data_4AUO
#
_entry.id   4AUO
#
_cell.length_a   76.671
_cell.length_b   102.241
_cell.length_c   80.734
_cell.angle_alpha   90.00
_cell.angle_beta   103.75
_cell.angle_gamma   90.00
#
_symmetry.space_group_name_H-M   'P 1 2 1'
#
loop_
_entity.id
_entity.type
_entity.pdbx_description
1 polymer 'INTERSTITIAL COLLAGENASE'
2 polymer 'TRIPLE-HELICAL COLLAGEN PEPTIDE'
3 non-polymer 'CALCIUM ION'
4 non-polymer 'ZINC ION'
5 water water
#
loop_
_entity_poly.entity_id
_entity_poly.type
_entity_poly.pdbx_seq_one_letter_code
_entity_poly.pdbx_strand_id
1 'polypeptide(L)'
;FVLTEGNPRWEQTHLTYRIENYTPDLPRADVDHAIEKAFQLWSNVTPLTFTKVSEGQADIMISFVRGDHRDNSPFDGPGG
NLAHAFQPGPGIGGDAHFDEDERWTNNFREYNLHRVAAHALGHSLGLSHSTDIGALMYPSYTFSGDVQLAQDDIDGIQAI
YGRSQNPVQPIGPQTPKACDSKLTFDAITTIRGEVMFFKDRFYMRTNPFYPEVELNFISVFWPQLPNGLEAAYEFADRDE
VRFFKGNKYWAVQGQNVLHGYPKDIYSSFGFPRTVKHIDAALSEENTGKTYFFVANKYWRYDEYKRSMDPGYPKMIAHDF
PGIGHKVDAVFMKDGFFYFFHGTRQYKFDPKTKRILTLQKANSWFNC
;
A,B
2 'polypeptide(L)' GP(HYP)GP(HYP)GP(HYP)GPQGLAGQRGIVGL(HYP)GQRGERGP(HYP)GP(HYP)GP(HYP)G C,D,E,F,G,H
#
loop_
_chem_comp.id
_chem_comp.type
_chem_comp.name
_chem_comp.formula
CA non-polymer 'CALCIUM ION' 'Ca 2'
ZN non-polymer 'ZINC ION' 'Zn 2'
#
# COMPACT_ATOMS: atom_id res chain seq x y z
N PHE A 1 36.29 3.42 -21.27
CA PHE A 1 35.68 4.48 -22.13
C PHE A 1 35.81 4.14 -23.62
N VAL A 2 34.90 4.67 -24.44
CA VAL A 2 34.95 4.40 -25.86
C VAL A 2 34.79 5.69 -26.62
N LEU A 3 35.70 5.93 -27.55
CA LEU A 3 35.61 7.12 -28.37
C LEU A 3 34.68 6.75 -29.54
N THR A 4 33.66 7.56 -29.81
CA THR A 4 32.74 7.29 -30.89
C THR A 4 33.50 6.81 -32.14
N GLU A 5 32.84 5.98 -32.96
CA GLU A 5 33.50 5.50 -34.17
C GLU A 5 33.68 6.70 -35.09
N GLY A 6 34.76 6.68 -35.88
CA GLY A 6 35.03 7.77 -36.80
C GLY A 6 35.74 8.92 -36.13
N ASN A 7 35.86 8.84 -34.82
CA ASN A 7 36.54 9.88 -34.05
C ASN A 7 36.00 11.27 -34.28
N PRO A 8 34.68 11.44 -34.20
CA PRO A 8 34.13 12.77 -34.41
C PRO A 8 34.51 13.63 -33.20
N ARG A 9 34.87 14.89 -33.48
CA ARG A 9 35.26 15.83 -32.45
C ARG A 9 34.94 17.21 -33.00
N TRP A 10 35.07 18.24 -32.18
CA TRP A 10 34.81 19.58 -32.68
C TRP A 10 36.14 20.26 -33.00
N GLU A 11 36.16 21.03 -34.07
CA GLU A 11 37.38 21.74 -34.44
C GLU A 11 37.51 22.99 -33.56
N GLN A 12 36.39 23.69 -33.37
CA GLN A 12 36.37 24.92 -32.55
C GLN A 12 36.34 24.63 -31.06
N THR A 13 37.33 25.15 -30.35
CA THR A 13 37.43 24.94 -28.90
C THR A 13 36.40 25.74 -28.10
N HIS A 14 35.90 26.82 -28.67
CA HIS A 14 34.91 27.64 -27.97
C HIS A 14 33.54 27.39 -28.56
N LEU A 15 32.80 26.47 -27.95
CA LEU A 15 31.48 26.09 -28.43
C LEU A 15 30.34 26.92 -27.85
N THR A 16 29.19 26.83 -28.52
CA THR A 16 27.97 27.53 -28.13
C THR A 16 26.80 26.54 -28.19
N TYR A 17 25.87 26.65 -27.27
CA TYR A 17 24.73 25.76 -27.25
C TYR A 17 23.45 26.55 -27.08
N ARG A 18 22.30 25.90 -27.28
CA ARG A 18 21.01 26.58 -27.15
C ARG A 18 19.87 25.63 -26.80
N ILE A 19 19.06 26.03 -25.81
CA ILE A 19 17.94 25.22 -25.36
C ILE A 19 16.67 25.48 -26.15
N GLU A 20 16.71 25.23 -27.47
CA GLU A 20 15.57 25.45 -28.35
C GLU A 20 14.22 25.59 -27.66
N ASN A 21 13.74 24.51 -27.03
CA ASN A 21 12.45 24.56 -26.32
C ASN A 21 12.59 24.06 -24.88
N TYR A 22 11.49 24.14 -24.12
CA TYR A 22 11.51 23.72 -22.73
C TYR A 22 10.42 22.74 -22.37
N THR A 23 10.69 21.99 -21.32
CA THR A 23 9.75 21.01 -20.82
C THR A 23 8.92 21.71 -19.75
N PRO A 24 7.60 21.43 -19.73
CA PRO A 24 6.66 22.02 -18.77
C PRO A 24 6.83 21.36 -17.40
N ASP A 25 7.88 20.56 -17.27
CA ASP A 25 8.17 19.84 -16.05
C ASP A 25 8.92 20.65 -15.02
N LEU A 26 9.79 21.54 -15.49
CA LEU A 26 10.58 22.36 -14.58
C LEU A 26 10.70 23.80 -15.04
N PRO A 27 10.66 24.74 -14.09
CA PRO A 27 10.77 26.18 -14.37
C PRO A 27 11.99 26.45 -15.27
N ARG A 28 11.78 27.17 -16.37
CA ARG A 28 12.85 27.49 -17.32
C ARG A 28 14.23 27.75 -16.72
N ALA A 29 14.27 28.29 -15.51
CA ALA A 29 15.54 28.58 -14.83
C ALA A 29 16.22 27.31 -14.31
N ASP A 30 15.45 26.44 -13.66
CA ASP A 30 15.96 25.17 -13.13
C ASP A 30 16.56 24.33 -14.29
N VAL A 31 15.97 24.48 -15.47
CA VAL A 31 16.44 23.78 -16.66
C VAL A 31 17.72 24.45 -17.19
N ASP A 32 17.71 25.78 -17.29
CA ASP A 32 18.88 26.53 -17.77
C ASP A 32 20.06 26.13 -16.91
N HIS A 33 19.80 26.11 -15.61
CA HIS A 33 20.79 25.79 -14.61
C HIS A 33 21.27 24.35 -14.79
N ALA A 34 20.32 23.41 -14.75
CA ALA A 34 20.61 21.99 -14.90
C ALA A 34 21.53 21.76 -16.09
N ILE A 35 21.21 22.39 -17.22
CA ILE A 35 22.03 22.24 -18.42
C ILE A 35 23.34 23.03 -18.27
N GLU A 36 23.26 24.21 -17.68
CA GLU A 36 24.46 24.99 -17.49
C GLU A 36 25.45 24.13 -16.71
N LYS A 37 25.04 23.75 -15.51
CA LYS A 37 25.88 22.92 -14.66
C LYS A 37 26.43 21.68 -15.37
N ALA A 38 25.58 20.94 -16.08
CA ALA A 38 26.03 19.76 -16.81
C ALA A 38 27.18 20.10 -17.76
N PHE A 39 26.97 21.07 -18.65
CA PHE A 39 28.01 21.48 -19.59
C PHE A 39 29.31 21.77 -18.88
N GLN A 40 29.22 22.22 -17.63
CA GLN A 40 30.39 22.53 -16.83
C GLN A 40 31.23 21.30 -16.45
N LEU A 41 30.57 20.18 -16.13
CA LEU A 41 31.29 18.96 -15.77
C LEU A 41 32.30 18.58 -16.84
N TRP A 42 31.96 18.84 -18.08
CA TRP A 42 32.86 18.48 -19.15
C TRP A 42 33.91 19.54 -19.40
N SER A 43 33.51 20.80 -19.32
CA SER A 43 34.44 21.88 -19.54
C SER A 43 35.42 21.99 -18.38
N ASN A 44 35.03 21.44 -17.23
CA ASN A 44 35.88 21.48 -16.03
C ASN A 44 37.12 20.61 -16.16
N VAL A 45 37.07 19.64 -17.06
CA VAL A 45 38.17 18.71 -17.26
C VAL A 45 38.81 18.80 -18.64
N THR A 46 38.40 19.79 -19.44
CA THR A 46 38.98 19.96 -20.78
C THR A 46 39.26 21.41 -21.11
N PRO A 47 39.82 21.67 -22.29
CA PRO A 47 40.10 23.04 -22.66
C PRO A 47 38.84 23.73 -23.21
N LEU A 48 37.78 22.94 -23.39
CA LEU A 48 36.53 23.41 -23.94
C LEU A 48 35.77 24.39 -23.07
N THR A 49 34.96 25.22 -23.73
CA THR A 49 34.11 26.19 -23.06
C THR A 49 32.71 26.07 -23.69
N PHE A 50 31.67 26.38 -22.92
CA PHE A 50 30.31 26.28 -23.44
C PHE A 50 29.46 27.51 -23.15
N THR A 51 29.30 28.32 -24.18
CA THR A 51 28.53 29.56 -24.13
C THR A 51 27.12 29.30 -24.68
N LYS A 52 26.14 29.91 -24.03
CA LYS A 52 24.73 29.75 -24.40
C LYS A 52 24.14 30.93 -25.20
N VAL A 53 23.96 30.77 -26.51
CA VAL A 53 23.36 31.82 -27.30
C VAL A 53 21.85 31.61 -27.19
N SER A 54 21.14 32.68 -26.86
CA SER A 54 19.69 32.62 -26.65
C SER A 54 18.82 32.53 -27.91
N GLU A 55 19.45 32.63 -29.08
CA GLU A 55 18.75 32.56 -30.35
C GLU A 55 19.76 32.33 -31.47
N GLY A 56 19.25 31.91 -32.63
CA GLY A 56 20.13 31.66 -33.75
C GLY A 56 20.56 30.22 -33.76
N GLN A 57 21.69 29.94 -34.39
CA GLN A 57 22.20 28.58 -34.47
C GLN A 57 23.37 28.32 -33.52
N ALA A 58 23.19 27.34 -32.65
CA ALA A 58 24.22 26.98 -31.68
C ALA A 58 24.85 25.68 -32.18
N ASP A 59 26.05 25.37 -31.70
CA ASP A 59 26.74 24.14 -32.08
C ASP A 59 25.98 22.92 -31.55
N ILE A 60 25.28 23.11 -30.44
CA ILE A 60 24.49 22.05 -29.81
C ILE A 60 23.10 22.56 -29.50
N MET A 61 22.11 22.04 -30.23
CA MET A 61 20.73 22.43 -30.05
C MET A 61 20.08 21.46 -29.08
N ILE A 62 19.61 21.97 -27.95
CA ILE A 62 18.98 21.12 -26.98
C ILE A 62 17.48 21.31 -27.02
N SER A 63 16.74 20.21 -27.14
CA SER A 63 15.28 20.30 -27.23
C SER A 63 14.59 19.13 -26.55
N PHE A 64 13.32 19.34 -26.21
CA PHE A 64 12.48 18.34 -25.58
C PHE A 64 11.41 17.95 -26.59
N VAL A 65 11.34 16.67 -26.93
CA VAL A 65 10.40 16.18 -27.93
C VAL A 65 9.73 14.86 -27.49
N ARG A 66 8.66 14.50 -28.19
CA ARG A 66 7.88 13.29 -27.89
C ARG A 66 7.94 12.29 -29.03
N GLY A 67 7.55 11.05 -28.73
CA GLY A 67 7.54 10.00 -29.74
C GLY A 67 8.37 10.24 -31.00
N ASP A 68 7.68 10.44 -32.12
CA ASP A 68 8.34 10.67 -33.41
C ASP A 68 8.60 12.18 -33.59
N HIS A 69 9.77 12.54 -34.11
CA HIS A 69 10.07 13.98 -34.30
C HIS A 69 11.06 14.34 -35.41
N ARG A 70 10.76 13.88 -36.62
CA ARG A 70 11.60 14.18 -37.79
C ARG A 70 13.10 13.95 -37.56
N ASP A 71 13.50 12.89 -36.86
CA ASP A 71 14.94 12.72 -36.67
C ASP A 71 15.48 11.30 -36.75
N ASN A 72 14.65 10.34 -37.12
CA ASN A 72 15.10 8.95 -37.30
C ASN A 72 15.13 8.09 -36.03
N SER A 73 15.23 8.73 -34.87
CA SER A 73 15.28 8.00 -33.60
C SER A 73 14.12 8.37 -32.68
N PRO A 74 12.89 7.92 -33.01
CA PRO A 74 11.67 8.18 -32.24
C PRO A 74 11.78 7.68 -30.80
N PHE A 75 11.11 8.38 -29.88
CA PHE A 75 11.14 7.98 -28.48
C PHE A 75 10.06 6.94 -28.16
N ASP A 76 10.26 6.20 -27.08
CA ASP A 76 9.36 5.12 -26.65
C ASP A 76 8.36 5.46 -25.55
N GLY A 77 8.01 6.72 -25.41
CA GLY A 77 7.09 7.08 -24.36
C GLY A 77 7.77 7.02 -23.02
N PRO A 78 7.01 6.97 -21.92
CA PRO A 78 7.56 6.91 -20.55
C PRO A 78 8.50 5.74 -20.29
N GLY A 79 9.64 6.04 -19.68
CA GLY A 79 10.59 4.98 -19.37
C GLY A 79 11.54 4.66 -20.50
N GLY A 80 12.34 3.62 -20.34
CA GLY A 80 13.28 3.23 -21.38
C GLY A 80 14.13 4.40 -21.81
N ASN A 81 14.41 4.51 -23.10
CA ASN A 81 15.23 5.59 -23.63
C ASN A 81 14.78 6.96 -23.11
N LEU A 82 15.66 7.62 -22.37
CA LEU A 82 15.32 8.92 -21.81
C LEU A 82 15.73 10.07 -22.73
N ALA A 83 16.72 9.82 -23.59
CA ALA A 83 17.21 10.84 -24.51
C ALA A 83 18.31 10.33 -25.43
N HIS A 84 18.71 11.14 -26.40
CA HIS A 84 19.82 10.77 -27.28
C HIS A 84 20.51 12.04 -27.75
N ALA A 85 21.71 11.88 -28.29
CA ALA A 85 22.50 13.03 -28.76
C ALA A 85 23.30 12.59 -29.97
N PHE A 86 23.73 13.53 -30.79
CA PHE A 86 24.47 13.15 -31.99
C PHE A 86 25.92 13.54 -31.90
N GLN A 87 26.79 12.75 -32.50
CA GLN A 87 28.21 13.05 -32.45
C GLN A 87 28.46 14.44 -33.01
N PRO A 88 29.64 15.02 -32.72
CA PRO A 88 29.97 16.36 -33.22
C PRO A 88 29.87 16.46 -34.73
N GLY A 89 29.57 17.67 -35.19
CA GLY A 89 29.44 17.91 -36.61
C GLY A 89 28.53 19.07 -36.91
N PRO A 90 28.37 19.41 -38.20
CA PRO A 90 27.50 20.52 -38.59
C PRO A 90 26.01 20.16 -38.54
N GLY A 91 25.16 21.17 -38.58
CA GLY A 91 23.73 20.93 -38.57
C GLY A 91 23.31 20.11 -37.37
N ILE A 92 22.45 19.13 -37.58
CA ILE A 92 21.95 18.28 -36.49
C ILE A 92 23.09 17.77 -35.59
N GLY A 93 24.33 17.87 -36.09
CA GLY A 93 25.49 17.43 -35.34
C GLY A 93 25.68 18.01 -33.95
N GLY A 94 25.87 17.12 -32.98
CA GLY A 94 26.08 17.54 -31.60
C GLY A 94 24.82 17.94 -30.86
N ASP A 95 23.66 17.52 -31.37
CA ASP A 95 22.37 17.86 -30.76
C ASP A 95 21.88 16.88 -29.70
N ALA A 96 21.06 17.38 -28.78
CA ALA A 96 20.52 16.56 -27.72
C ALA A 96 19.00 16.69 -27.67
N HIS A 97 18.32 15.55 -27.65
CA HIS A 97 16.85 15.51 -27.60
C HIS A 97 16.43 14.71 -26.36
N PHE A 98 15.70 15.35 -25.46
CA PHE A 98 15.24 14.67 -24.26
C PHE A 98 13.81 14.20 -24.44
N ASP A 99 13.56 12.94 -24.14
CA ASP A 99 12.23 12.39 -24.29
C ASP A 99 11.21 13.10 -23.41
N GLU A 100 10.50 14.06 -23.99
CA GLU A 100 9.52 14.80 -23.20
C GLU A 100 8.55 13.87 -22.43
N ASP A 101 8.14 12.76 -23.04
CA ASP A 101 7.22 11.83 -22.39
C ASP A 101 7.72 11.42 -21.02
N GLU A 102 8.88 11.95 -20.63
CA GLU A 102 9.48 11.66 -19.31
C GLU A 102 9.13 12.74 -18.29
N ARG A 103 9.17 12.40 -17.01
CA ARG A 103 8.93 13.40 -15.98
C ARG A 103 10.29 13.89 -15.53
N TRP A 104 10.71 15.04 -16.08
CA TRP A 104 12.01 15.62 -15.77
C TRP A 104 11.99 16.35 -14.43
N THR A 105 12.93 16.01 -13.55
CA THR A 105 12.97 16.63 -12.22
C THR A 105 14.32 17.19 -11.86
N ASN A 106 14.32 17.96 -10.78
CA ASN A 106 15.55 18.56 -10.26
C ASN A 106 15.73 18.07 -8.84
N ASN A 107 15.39 16.80 -8.63
CA ASN A 107 15.51 16.18 -7.33
C ASN A 107 15.82 14.68 -7.44
N PHE A 108 15.49 13.91 -6.42
CA PHE A 108 15.77 12.48 -6.42
C PHE A 108 14.76 11.69 -7.25
N ARG A 109 13.51 12.18 -7.31
CA ARG A 109 12.44 11.53 -8.06
C ARG A 109 12.93 10.99 -9.39
N GLU A 110 12.17 10.04 -9.94
CA GLU A 110 12.53 9.41 -11.20
C GLU A 110 12.79 10.37 -12.36
N TYR A 111 14.05 10.32 -12.79
CA TYR A 111 14.61 11.08 -13.91
C TYR A 111 15.03 12.54 -13.70
N ASN A 112 16.06 12.68 -12.88
CA ASN A 112 16.68 13.95 -12.55
C ASN A 112 17.28 14.43 -13.86
N LEU A 113 16.83 15.59 -14.35
CA LEU A 113 17.32 16.13 -15.60
C LEU A 113 18.84 16.28 -15.68
N HIS A 114 19.45 16.85 -14.66
CA HIS A 114 20.90 17.04 -14.66
C HIS A 114 21.70 15.77 -14.95
N ARG A 115 21.45 14.71 -14.19
CA ARG A 115 22.15 13.42 -14.35
C ARG A 115 21.97 12.80 -15.73
N VAL A 116 20.79 12.94 -16.31
CA VAL A 116 20.55 12.39 -17.64
C VAL A 116 21.25 13.23 -18.69
N ALA A 117 21.32 14.54 -18.43
CA ALA A 117 21.94 15.48 -19.37
C ALA A 117 23.45 15.27 -19.48
N ALA A 118 24.14 15.14 -18.34
CA ALA A 118 25.58 14.96 -18.35
C ALA A 118 26.00 13.79 -19.24
N HIS A 119 25.17 12.75 -19.25
CA HIS A 119 25.44 11.58 -20.08
C HIS A 119 25.31 11.98 -21.56
N ALA A 120 24.11 12.43 -21.93
CA ALA A 120 23.84 12.85 -23.30
C ALA A 120 24.97 13.69 -23.85
N LEU A 121 25.32 14.75 -23.13
CA LEU A 121 26.40 15.64 -23.54
C LEU A 121 27.73 14.92 -23.77
N GLY A 122 27.82 13.68 -23.30
CA GLY A 122 29.04 12.90 -23.50
C GLY A 122 29.12 12.51 -24.97
N HIS A 123 27.98 12.06 -25.50
CA HIS A 123 27.85 11.70 -26.90
C HIS A 123 28.03 12.96 -27.76
N SER A 124 27.51 14.09 -27.26
CA SER A 124 27.59 15.38 -27.95
C SER A 124 29.02 15.91 -28.11
N LEU A 125 29.95 15.42 -27.30
CA LEU A 125 31.32 15.89 -27.40
C LEU A 125 32.22 14.91 -28.12
N GLY A 126 31.74 13.69 -28.30
CA GLY A 126 32.55 12.70 -29.00
C GLY A 126 32.75 11.36 -28.30
N LEU A 127 32.08 11.15 -27.17
CA LEU A 127 32.19 9.90 -26.40
C LEU A 127 31.03 8.93 -26.63
N SER A 128 31.33 7.65 -26.54
CA SER A 128 30.30 6.64 -26.70
C SER A 128 30.23 5.86 -25.41
N HIS A 129 29.26 4.97 -25.32
CA HIS A 129 29.08 4.16 -24.11
C HIS A 129 30.29 3.38 -23.64
N SER A 130 30.60 3.55 -22.36
CA SER A 130 31.73 2.88 -21.74
C SER A 130 31.33 1.54 -21.16
N THR A 131 32.21 0.55 -21.26
CA THR A 131 31.88 -0.76 -20.73
C THR A 131 32.11 -0.80 -19.21
N ASP A 132 32.66 0.27 -18.64
CA ASP A 132 32.93 0.38 -17.21
C ASP A 132 31.64 0.76 -16.46
N ILE A 133 31.15 -0.11 -15.59
CA ILE A 133 29.88 0.18 -14.89
C ILE A 133 29.85 1.45 -14.03
N GLY A 134 31.01 1.93 -13.64
CA GLY A 134 31.05 3.12 -12.81
C GLY A 134 31.14 4.44 -13.57
N ALA A 135 31.24 4.37 -14.88
CA ALA A 135 31.35 5.57 -15.68
C ALA A 135 29.99 6.24 -15.86
N LEU A 136 30.04 7.56 -16.09
CA LEU A 136 28.82 8.34 -16.31
C LEU A 136 28.33 7.91 -17.68
N MET A 137 29.29 7.51 -18.51
CA MET A 137 28.98 7.08 -19.85
C MET A 137 28.59 5.63 -19.91
N TYR A 138 27.85 5.16 -18.90
CA TYR A 138 27.38 3.78 -18.94
C TYR A 138 25.87 3.86 -19.18
N PRO A 139 25.39 3.19 -20.23
CA PRO A 139 23.99 3.10 -20.68
C PRO A 139 23.01 2.69 -19.60
N SER A 140 23.02 3.39 -18.47
CA SER A 140 22.14 3.02 -17.39
C SER A 140 21.93 4.18 -16.44
N TYR A 141 20.67 4.52 -16.17
CA TYR A 141 20.37 5.61 -15.25
C TYR A 141 20.36 5.15 -13.79
N THR A 142 21.28 5.73 -13.04
CA THR A 142 21.45 5.47 -11.63
C THR A 142 21.60 6.89 -11.10
N PHE A 143 21.44 7.09 -9.79
CA PHE A 143 21.54 8.43 -9.23
C PHE A 143 21.47 8.36 -7.71
N SER A 144 22.52 8.85 -7.05
CA SER A 144 22.59 8.87 -5.59
C SER A 144 22.56 10.29 -5.05
N GLY A 145 22.07 11.23 -5.87
CA GLY A 145 21.95 12.63 -5.46
C GLY A 145 23.07 13.50 -5.98
N ASP A 146 24.21 12.87 -6.23
CA ASP A 146 25.43 13.52 -6.72
C ASP A 146 25.62 13.14 -8.19
N VAL A 147 26.33 13.95 -8.96
CA VAL A 147 26.60 13.65 -10.37
C VAL A 147 28.00 14.12 -10.75
N GLN A 148 28.90 13.16 -10.98
CA GLN A 148 30.24 13.53 -11.34
C GLN A 148 30.83 12.62 -12.40
N LEU A 149 31.91 13.06 -13.00
CA LEU A 149 32.56 12.26 -14.01
C LEU A 149 33.40 11.24 -13.27
N ALA A 150 33.45 10.03 -13.78
CA ALA A 150 34.25 8.99 -13.16
C ALA A 150 35.58 9.16 -13.84
N GLN A 151 36.64 8.70 -13.19
CA GLN A 151 37.98 8.79 -13.75
C GLN A 151 37.97 8.29 -15.17
N ASP A 152 37.07 7.35 -15.45
CA ASP A 152 36.97 6.80 -16.79
C ASP A 152 36.49 7.82 -17.79
N ASP A 153 35.47 8.58 -17.43
CA ASP A 153 34.93 9.61 -18.32
C ASP A 153 35.96 10.70 -18.51
N ILE A 154 36.70 11.03 -17.46
CA ILE A 154 37.73 12.06 -17.53
C ILE A 154 38.85 11.63 -18.50
N ASP A 155 39.27 10.36 -18.43
CA ASP A 155 40.31 9.87 -19.32
C ASP A 155 39.86 9.93 -20.78
N GLY A 156 38.65 9.42 -21.03
CA GLY A 156 38.10 9.39 -22.38
C GLY A 156 37.91 10.75 -23.01
N ILE A 157 37.37 11.70 -22.24
CA ILE A 157 37.16 13.03 -22.76
C ILE A 157 38.49 13.76 -23.00
N GLN A 158 39.49 13.51 -22.14
CA GLN A 158 40.79 14.18 -22.31
C GLN A 158 41.61 13.52 -23.40
N ALA A 159 41.12 12.37 -23.88
CA ALA A 159 41.81 11.64 -24.95
C ALA A 159 41.50 12.36 -26.25
N ILE A 160 40.32 12.98 -26.27
CA ILE A 160 39.85 13.74 -27.42
C ILE A 160 40.34 15.20 -27.44
N TYR A 161 40.17 15.90 -26.32
CA TYR A 161 40.53 17.31 -26.28
C TYR A 161 41.75 17.76 -25.47
N GLY A 162 42.13 16.99 -24.46
CA GLY A 162 43.25 17.41 -23.64
C GLY A 162 42.75 17.79 -22.26
N ARG A 163 43.64 18.28 -21.41
CA ARG A 163 43.28 18.67 -20.04
C ARG A 163 42.84 20.13 -19.82
N SER A 164 42.13 20.34 -18.71
CA SER A 164 41.67 21.67 -18.32
C SER A 164 42.93 22.45 -18.06
N GLN A 165 42.86 23.76 -18.26
CA GLN A 165 44.00 24.61 -18.02
C GLN A 165 44.16 24.85 -16.51
N ASN A 166 43.10 24.55 -15.76
CA ASN A 166 43.13 24.70 -14.30
C ASN A 166 44.47 24.13 -13.82
N PRO A 167 45.11 24.80 -12.85
CA PRO A 167 46.40 24.35 -12.31
C PRO A 167 46.35 23.08 -11.46
N VAL A 168 45.27 22.87 -10.71
CA VAL A 168 45.14 21.68 -9.86
C VAL A 168 44.88 20.36 -10.62
N GLN A 169 43.93 20.37 -11.56
CA GLN A 169 43.63 19.16 -12.36
C GLN A 169 42.64 18.21 -11.69
N PRO A 170 41.38 18.26 -12.13
CA PRO A 170 40.35 17.39 -11.54
C PRO A 170 40.56 15.89 -11.74
N ILE A 171 40.01 15.10 -10.81
CA ILE A 171 40.07 13.63 -10.88
C ILE A 171 38.72 13.00 -10.42
N GLY A 172 38.39 11.84 -10.98
CA GLY A 172 37.15 11.20 -10.62
C GLY A 172 37.35 9.90 -9.89
N PRO A 173 36.26 9.33 -9.33
CA PRO A 173 36.29 8.08 -8.58
C PRO A 173 36.58 6.90 -9.49
N GLN A 174 37.37 5.95 -9.00
CA GLN A 174 37.69 4.79 -9.80
C GLN A 174 36.81 3.60 -9.42
N THR A 175 36.59 2.74 -10.40
CA THR A 175 35.78 1.56 -10.22
C THR A 175 36.61 0.38 -9.74
N PRO A 176 36.10 -0.38 -8.77
CA PRO A 176 36.81 -1.54 -8.22
C PRO A 176 36.74 -2.75 -9.14
N LYS A 177 37.75 -3.60 -9.04
CA LYS A 177 37.80 -4.79 -9.85
C LYS A 177 37.74 -5.98 -8.89
N ALA A 178 36.66 -6.75 -8.98
CA ALA A 178 36.45 -7.90 -8.10
C ALA A 178 37.72 -8.73 -7.95
N CYS A 179 38.27 -9.20 -9.06
CA CYS A 179 39.48 -9.99 -8.99
C CYS A 179 40.75 -9.18 -9.16
N ASP A 180 41.11 -8.49 -8.08
CA ASP A 180 42.30 -7.66 -8.07
C ASP A 180 42.80 -7.63 -6.63
N SER A 181 43.96 -8.22 -6.39
CA SER A 181 44.53 -8.21 -5.05
C SER A 181 44.74 -6.74 -4.73
N LYS A 182 44.88 -6.42 -3.44
CA LYS A 182 45.01 -5.04 -2.97
C LYS A 182 43.61 -4.46 -2.78
N LEU A 183 42.63 -5.11 -3.39
CA LEU A 183 41.24 -4.72 -3.25
C LEU A 183 40.98 -4.82 -1.75
N THR A 184 40.21 -3.87 -1.22
CA THR A 184 39.88 -3.84 0.21
C THR A 184 38.40 -3.49 0.40
N PHE A 185 37.89 -3.65 1.61
CA PHE A 185 36.47 -3.38 1.83
C PHE A 185 36.13 -2.35 2.89
N ASP A 186 34.93 -1.81 2.75
CA ASP A 186 34.39 -0.82 3.68
C ASP A 186 33.44 -1.53 4.62
N ALA A 187 32.57 -2.38 4.06
CA ALA A 187 31.62 -3.14 4.86
C ALA A 187 31.18 -4.42 4.15
N ILE A 188 30.78 -5.44 4.91
CA ILE A 188 30.32 -6.68 4.30
C ILE A 188 29.10 -7.18 5.09
N THR A 189 27.96 -7.35 4.41
CA THR A 189 26.75 -7.81 5.07
C THR A 189 26.23 -9.06 4.37
N THR A 190 25.25 -9.71 4.99
CA THR A 190 24.68 -10.93 4.44
C THR A 190 23.23 -10.79 4.00
N ILE A 191 22.85 -9.61 3.54
CA ILE A 191 21.47 -9.42 3.13
C ILE A 191 20.82 -10.66 2.52
N ARG A 192 19.71 -11.06 3.09
CA ARG A 192 18.92 -12.22 2.65
C ARG A 192 19.59 -13.38 1.89
N GLY A 193 20.35 -14.21 2.58
CA GLY A 193 20.95 -15.37 1.92
C GLY A 193 22.21 -15.12 1.12
N GLU A 194 22.29 -13.94 0.51
CA GLU A 194 23.47 -13.63 -0.25
C GLU A 194 24.44 -12.82 0.61
N VAL A 195 25.57 -12.45 0.03
CA VAL A 195 26.54 -11.66 0.74
C VAL A 195 26.94 -10.50 -0.14
N MET A 196 26.83 -9.29 0.40
CA MET A 196 27.19 -8.09 -0.33
C MET A 196 28.33 -7.35 0.32
N PHE A 197 29.42 -7.20 -0.44
CA PHE A 197 30.62 -6.49 0.01
C PHE A 197 30.55 -5.08 -0.57
N PHE A 198 30.90 -4.08 0.22
CA PHE A 198 30.86 -2.68 -0.22
C PHE A 198 32.23 -2.02 -0.36
N LYS A 199 32.38 -1.26 -1.44
CA LYS A 199 33.61 -0.54 -1.75
C LYS A 199 33.21 0.72 -2.47
N ASP A 200 33.28 1.85 -1.76
CA ASP A 200 32.91 3.18 -2.28
C ASP A 200 31.40 3.28 -2.50
N ARG A 201 30.99 3.53 -3.75
CA ARG A 201 29.58 3.64 -4.11
C ARG A 201 29.16 2.38 -4.85
N PHE A 202 29.95 1.32 -4.68
CA PHE A 202 29.75 0.02 -5.34
C PHE A 202 29.60 -1.13 -4.36
N TYR A 203 28.92 -2.18 -4.84
CA TYR A 203 28.71 -3.42 -4.08
C TYR A 203 29.08 -4.61 -4.96
N MET A 204 29.44 -5.72 -4.34
CA MET A 204 29.77 -6.94 -5.07
C MET A 204 28.90 -8.04 -4.49
N ARG A 205 27.85 -8.36 -5.24
CA ARG A 205 26.82 -9.35 -4.89
C ARG A 205 27.23 -10.80 -5.16
N THR A 206 27.24 -11.59 -4.10
CA THR A 206 27.61 -13.00 -4.15
C THR A 206 26.43 -13.83 -3.72
N ASN A 207 25.86 -14.59 -4.64
CA ASN A 207 24.70 -15.45 -4.34
C ASN A 207 25.02 -16.93 -4.61
N PRO A 208 24.70 -17.82 -3.65
CA PRO A 208 24.94 -19.26 -3.78
C PRO A 208 24.38 -19.92 -5.03
N PHE A 209 23.21 -19.51 -5.50
CA PHE A 209 22.64 -20.14 -6.69
C PHE A 209 23.30 -19.75 -8.01
N TYR A 210 24.08 -18.67 -7.98
CA TYR A 210 24.76 -18.20 -9.18
C TYR A 210 26.26 -18.18 -9.03
N PRO A 211 26.99 -18.43 -10.12
CA PRO A 211 28.45 -18.47 -10.12
C PRO A 211 29.20 -17.13 -10.14
N GLU A 212 28.63 -16.13 -10.78
CA GLU A 212 29.31 -14.83 -10.89
C GLU A 212 29.11 -13.77 -9.81
N VAL A 213 30.14 -12.96 -9.63
CA VAL A 213 30.10 -11.86 -8.68
C VAL A 213 29.51 -10.72 -9.48
N GLU A 214 28.60 -9.97 -8.90
CA GLU A 214 27.98 -8.87 -9.64
C GLU A 214 28.43 -7.53 -9.05
N LEU A 215 29.07 -6.70 -9.87
CA LEU A 215 29.53 -5.40 -9.41
C LEU A 215 28.53 -4.33 -9.85
N ASN A 216 28.25 -3.34 -9.00
CA ASN A 216 27.28 -2.31 -9.36
C ASN A 216 27.20 -1.19 -8.33
N PHE A 217 26.51 -0.10 -8.68
CA PHE A 217 26.32 1.02 -7.77
C PHE A 217 25.36 0.62 -6.67
N ILE A 218 25.74 0.92 -5.44
CA ILE A 218 24.88 0.60 -4.31
C ILE A 218 23.51 1.23 -4.52
N SER A 219 23.48 2.32 -5.28
CA SER A 219 22.25 3.06 -5.58
C SER A 219 21.22 2.30 -6.40
N VAL A 220 21.63 1.19 -7.01
CA VAL A 220 20.70 0.39 -7.81
C VAL A 220 19.51 -0.01 -6.95
N PHE A 221 19.80 -0.42 -5.73
CA PHE A 221 18.75 -0.82 -4.81
C PHE A 221 18.37 0.26 -3.82
N TRP A 222 19.36 1.02 -3.35
CA TRP A 222 19.10 2.06 -2.35
C TRP A 222 19.68 3.43 -2.67
N PRO A 223 18.99 4.19 -3.52
CA PRO A 223 19.42 5.52 -3.92
C PRO A 223 19.73 6.50 -2.80
N GLN A 224 18.99 6.39 -1.69
CA GLN A 224 19.19 7.34 -0.62
C GLN A 224 20.13 6.99 0.54
N LEU A 225 20.97 5.98 0.34
CA LEU A 225 21.94 5.67 1.39
C LEU A 225 23.08 6.61 1.12
N PRO A 226 23.90 6.88 2.13
CA PRO A 226 25.03 7.79 1.94
C PRO A 226 26.15 7.15 1.12
N ASN A 227 26.93 7.97 0.42
CA ASN A 227 28.04 7.45 -0.38
C ASN A 227 29.20 7.07 0.56
N GLY A 228 29.80 5.92 0.33
CA GLY A 228 30.91 5.48 1.17
C GLY A 228 30.54 5.06 2.58
N LEU A 229 29.96 3.86 2.70
CA LEU A 229 29.54 3.31 3.98
C LEU A 229 30.72 2.85 4.85
N GLU A 230 30.48 2.69 6.15
CA GLU A 230 31.56 2.30 7.08
C GLU A 230 31.42 0.91 7.69
N ALA A 231 30.18 0.46 7.86
CA ALA A 231 29.91 -0.85 8.44
C ALA A 231 28.51 -1.25 8.03
N ALA A 232 28.19 -2.53 8.13
CA ALA A 232 26.85 -2.98 7.77
C ALA A 232 26.62 -4.38 8.31
N TYR A 233 25.43 -4.64 8.84
CA TYR A 233 25.13 -5.96 9.37
C TYR A 233 23.67 -6.29 9.23
N GLU A 234 23.37 -7.55 8.95
CA GLU A 234 21.99 -7.96 8.82
C GLU A 234 21.49 -8.48 10.15
N PHE A 235 20.21 -8.24 10.41
CA PHE A 235 19.55 -8.69 11.62
C PHE A 235 18.36 -9.51 11.15
N ALA A 236 18.57 -10.81 11.01
CA ALA A 236 17.54 -11.72 10.53
C ALA A 236 16.20 -11.45 11.22
N ASP A 237 16.16 -11.62 12.54
CA ASP A 237 14.94 -11.41 13.32
C ASP A 237 13.98 -10.36 12.76
N ARG A 238 14.49 -9.21 12.34
CA ARG A 238 13.63 -8.15 11.82
C ARG A 238 13.91 -7.81 10.36
N ASP A 239 14.31 -8.82 9.59
CA ASP A 239 14.64 -8.65 8.17
C ASP A 239 15.17 -7.24 7.91
N GLU A 240 16.23 -6.89 8.64
CA GLU A 240 16.81 -5.58 8.51
C GLU A 240 18.29 -5.61 8.24
N VAL A 241 18.75 -4.59 7.53
CA VAL A 241 20.16 -4.44 7.24
C VAL A 241 20.49 -3.01 7.63
N ARG A 242 21.36 -2.87 8.60
CA ARG A 242 21.75 -1.56 9.06
C ARG A 242 23.10 -1.15 8.49
N PHE A 243 23.12 0.03 7.91
CA PHE A 243 24.32 0.59 7.31
C PHE A 243 24.80 1.71 8.19
N PHE A 244 26.11 1.85 8.30
CA PHE A 244 26.69 2.89 9.13
C PHE A 244 27.56 3.88 8.40
N LYS A 245 27.43 5.13 8.84
CA LYS A 245 28.19 6.22 8.27
C LYS A 245 28.50 7.25 9.36
N GLY A 246 29.68 7.14 9.95
CA GLY A 246 30.05 8.09 10.98
C GLY A 246 29.30 7.90 12.27
N ASN A 247 28.57 8.93 12.70
CA ASN A 247 27.83 8.90 13.96
C ASN A 247 26.37 8.43 13.88
N LYS A 248 25.86 8.15 12.69
CA LYS A 248 24.49 7.67 12.56
C LYS A 248 24.36 6.51 11.58
N TYR A 249 23.22 5.81 11.62
CA TYR A 249 22.98 4.66 10.74
C TYR A 249 21.62 4.64 10.02
N TRP A 250 21.53 3.81 8.99
CA TRP A 250 20.33 3.64 8.18
C TRP A 250 19.87 2.19 8.24
N ALA A 251 18.57 1.99 8.42
CA ALA A 251 18.01 0.65 8.46
C ALA A 251 17.26 0.43 7.15
N VAL A 252 17.58 -0.66 6.48
CA VAL A 252 16.94 -0.99 5.21
C VAL A 252 16.19 -2.32 5.33
N GLN A 253 14.94 -2.31 4.90
CA GLN A 253 14.09 -3.50 4.93
C GLN A 253 13.98 -4.01 3.49
N GLY A 254 14.95 -4.84 3.10
CA GLY A 254 14.96 -5.38 1.76
C GLY A 254 15.45 -4.38 0.75
N GLN A 255 14.51 -3.63 0.18
CA GLN A 255 14.80 -2.65 -0.86
C GLN A 255 14.29 -1.25 -0.52
N ASN A 256 13.72 -1.10 0.68
CA ASN A 256 13.16 0.19 1.10
C ASN A 256 13.79 0.73 2.38
N VAL A 257 14.22 1.98 2.35
CA VAL A 257 14.79 2.57 3.55
C VAL A 257 13.63 2.84 4.48
N LEU A 258 13.74 2.37 5.71
CA LEU A 258 12.69 2.57 6.67
C LEU A 258 12.48 4.05 6.98
N HIS A 259 11.30 4.35 7.52
CA HIS A 259 10.89 5.70 7.88
C HIS A 259 11.61 6.09 9.17
N GLY A 260 12.29 7.24 9.14
CA GLY A 260 12.97 7.70 10.33
C GLY A 260 14.49 7.78 10.31
N TYR A 261 15.10 7.26 9.26
CA TYR A 261 16.55 7.29 9.19
C TYR A 261 17.06 8.39 8.26
N PRO A 262 18.35 8.73 8.37
CA PRO A 262 19.34 8.16 9.28
C PRO A 262 18.98 8.36 10.75
N LYS A 263 19.64 7.64 11.65
CA LYS A 263 19.38 7.78 13.08
C LYS A 263 20.71 7.66 13.82
N ASP A 264 20.93 8.53 14.80
CA ASP A 264 22.19 8.54 15.55
C ASP A 264 22.45 7.25 16.31
N ILE A 265 23.72 6.83 16.31
CA ILE A 265 24.14 5.61 16.95
C ILE A 265 24.19 5.67 18.47
N TYR A 266 24.43 6.85 19.02
CA TYR A 266 24.52 7.02 20.47
C TYR A 266 23.21 6.75 21.19
N SER A 267 22.12 7.34 20.68
CA SER A 267 20.81 7.16 21.28
C SER A 267 20.24 5.76 21.02
N SER A 268 20.41 5.28 19.80
CA SER A 268 19.88 3.98 19.44
C SER A 268 20.60 2.77 20.01
N PHE A 269 21.91 2.88 20.22
CA PHE A 269 22.69 1.76 20.75
C PHE A 269 23.33 2.03 22.13
N GLY A 270 23.82 3.24 22.35
CA GLY A 270 24.42 3.56 23.64
C GLY A 270 25.94 3.64 23.68
N PHE A 271 26.55 4.10 22.59
CA PHE A 271 27.99 4.22 22.51
C PHE A 271 28.43 5.52 23.21
N PRO A 272 29.68 5.60 23.67
CA PRO A 272 30.14 6.83 24.31
C PRO A 272 30.35 7.78 23.15
N ARG A 273 30.24 9.08 23.37
CA ARG A 273 30.42 9.99 22.25
C ARG A 273 31.86 10.00 21.81
N THR A 274 32.70 9.24 22.51
CA THR A 274 34.12 9.15 22.16
C THR A 274 34.21 8.34 20.86
N VAL A 275 33.22 7.49 20.63
CA VAL A 275 33.14 6.67 19.42
C VAL A 275 32.50 7.54 18.35
N LYS A 276 33.30 8.02 17.40
CA LYS A 276 32.74 8.88 16.36
C LYS A 276 32.22 8.05 15.20
N HIS A 277 32.50 6.74 15.21
CA HIS A 277 32.03 5.85 14.15
C HIS A 277 32.36 4.37 14.36
N ILE A 278 31.62 3.51 13.66
CA ILE A 278 31.80 2.06 13.73
C ILE A 278 32.65 1.58 12.55
N ASP A 279 33.62 0.72 12.82
CA ASP A 279 34.52 0.19 11.78
C ASP A 279 33.99 -1.06 11.06
N ALA A 280 33.28 -1.90 11.80
CA ALA A 280 32.71 -3.13 11.24
C ALA A 280 31.66 -3.66 12.20
N ALA A 281 30.85 -4.61 11.73
CA ALA A 281 29.81 -5.17 12.59
C ALA A 281 29.22 -6.47 12.05
N LEU A 282 28.79 -7.34 12.95
CA LEU A 282 28.17 -8.59 12.57
C LEU A 282 27.35 -9.02 13.76
N SER A 283 26.24 -9.71 13.53
CA SER A 283 25.38 -10.16 14.62
C SER A 283 25.29 -11.70 14.67
N GLU A 284 25.31 -12.22 15.89
CA GLU A 284 25.24 -13.66 16.14
C GLU A 284 24.12 -14.31 15.37
N GLU A 285 24.42 -15.51 14.90
CA GLU A 285 23.51 -16.32 14.12
C GLU A 285 22.06 -16.18 14.54
N ASN A 286 21.79 -16.46 15.81
CA ASN A 286 20.44 -16.40 16.31
C ASN A 286 20.39 -15.92 17.76
N THR A 287 21.55 -15.83 18.40
CA THR A 287 21.60 -15.40 19.81
C THR A 287 21.39 -13.90 20.01
N GLY A 288 21.19 -13.18 18.91
CA GLY A 288 20.93 -11.75 18.98
C GLY A 288 22.02 -10.91 19.61
N LYS A 289 23.26 -11.26 19.34
CA LYS A 289 24.42 -10.55 19.87
C LYS A 289 25.16 -9.81 18.75
N THR A 290 24.89 -8.52 18.58
CA THR A 290 25.56 -7.76 17.53
C THR A 290 26.88 -7.18 18.04
N TYR A 291 27.95 -7.40 17.27
CA TYR A 291 29.28 -6.89 17.63
C TYR A 291 29.65 -5.71 16.74
N PHE A 292 30.07 -4.62 17.37
CA PHE A 292 30.48 -3.39 16.69
C PHE A 292 31.94 -3.15 17.03
N PHE A 293 32.81 -3.16 16.03
CA PHE A 293 34.23 -2.92 16.29
C PHE A 293 34.60 -1.45 16.11
N VAL A 294 35.27 -0.88 17.10
CA VAL A 294 35.69 0.52 17.05
C VAL A 294 37.19 0.58 17.35
N ALA A 295 37.99 0.60 16.29
CA ALA A 295 39.44 0.65 16.43
C ALA A 295 39.87 -0.66 17.07
N ASN A 296 40.65 -0.59 18.16
CA ASN A 296 41.11 -1.80 18.80
C ASN A 296 40.18 -2.34 19.88
N LYS A 297 39.05 -1.68 20.09
CA LYS A 297 38.06 -2.15 21.08
C LYS A 297 36.75 -2.53 20.39
N TYR A 298 35.96 -3.36 21.05
CA TYR A 298 34.70 -3.77 20.46
C TYR A 298 33.60 -3.76 21.51
N TRP A 299 32.36 -3.66 21.04
CA TRP A 299 31.21 -3.61 21.93
C TRP A 299 30.25 -4.69 21.50
N ARG A 300 29.46 -5.18 22.44
CA ARG A 300 28.48 -6.19 22.12
C ARG A 300 27.10 -5.67 22.49
N TYR A 301 26.19 -5.71 21.54
CA TYR A 301 24.84 -5.21 21.76
C TYR A 301 23.86 -6.39 21.78
N ASP A 302 22.91 -6.35 22.70
CA ASP A 302 21.91 -7.40 22.78
C ASP A 302 20.65 -6.91 22.07
N GLU A 303 20.51 -7.35 20.81
CA GLU A 303 19.40 -6.97 19.92
C GLU A 303 17.98 -7.03 20.50
N TYR A 304 17.74 -8.04 21.33
CA TYR A 304 16.44 -8.26 21.97
C TYR A 304 16.21 -7.33 23.16
N LYS A 305 17.23 -7.18 23.99
CA LYS A 305 17.16 -6.30 25.16
C LYS A 305 17.34 -4.85 24.71
N ARG A 306 17.60 -4.67 23.42
CA ARG A 306 17.82 -3.36 22.82
C ARG A 306 18.70 -2.45 23.67
N SER A 307 19.84 -3.00 24.10
CA SER A 307 20.79 -2.24 24.92
C SER A 307 22.10 -2.99 24.97
N MET A 308 23.19 -2.25 25.12
CA MET A 308 24.52 -2.84 25.22
C MET A 308 24.58 -3.87 26.34
N ASP A 309 25.69 -4.60 26.38
CA ASP A 309 25.90 -5.62 27.39
C ASP A 309 26.88 -5.12 28.46
N PRO A 310 26.84 -5.74 29.65
CA PRO A 310 27.68 -5.42 30.82
C PRO A 310 29.14 -5.09 30.50
N GLY A 311 29.54 -3.87 30.88
CA GLY A 311 30.91 -3.39 30.67
C GLY A 311 31.59 -4.02 29.49
N TYR A 312 31.23 -3.57 28.29
CA TYR A 312 31.82 -4.16 27.11
C TYR A 312 32.94 -3.46 26.37
N PRO A 313 33.29 -2.22 26.74
CA PRO A 313 34.40 -1.67 25.95
C PRO A 313 35.61 -2.58 26.17
N LYS A 314 35.64 -3.74 25.49
CA LYS A 314 36.74 -4.70 25.62
C LYS A 314 37.66 -4.61 24.44
N MET A 315 38.92 -4.94 24.67
CA MET A 315 39.90 -4.91 23.59
C MET A 315 39.66 -6.09 22.66
N ILE A 316 39.86 -5.87 21.37
CA ILE A 316 39.67 -6.92 20.39
C ILE A 316 40.77 -7.95 20.56
N ALA A 317 42.00 -7.45 20.71
CA ALA A 317 43.19 -8.28 20.87
C ALA A 317 43.11 -9.34 21.96
N HIS A 318 41.97 -9.41 22.65
CA HIS A 318 41.80 -10.37 23.74
C HIS A 318 40.80 -11.45 23.40
N ASP A 319 39.53 -11.08 23.30
CA ASP A 319 38.50 -12.05 22.99
C ASP A 319 38.59 -12.55 21.54
N PHE A 320 39.48 -11.93 20.75
CA PHE A 320 39.68 -12.31 19.36
C PHE A 320 41.19 -12.24 19.14
N PRO A 321 41.92 -13.30 19.52
CA PRO A 321 43.38 -13.32 19.35
C PRO A 321 43.81 -13.47 17.90
N GLY A 322 44.92 -12.82 17.55
CA GLY A 322 45.42 -12.92 16.20
C GLY A 322 44.88 -11.85 15.26
N ILE A 323 43.63 -11.99 14.85
CA ILE A 323 42.96 -11.06 13.93
C ILE A 323 43.66 -9.72 13.71
N GLY A 324 44.06 -9.05 14.79
CA GLY A 324 44.75 -7.79 14.61
C GLY A 324 44.31 -6.64 15.49
N HIS A 325 44.77 -5.47 15.07
CA HIS A 325 44.52 -4.20 15.75
C HIS A 325 43.37 -3.40 15.16
N LYS A 326 43.07 -3.66 13.89
CA LYS A 326 42.03 -2.94 13.17
C LYS A 326 41.18 -3.86 12.28
N VAL A 327 39.89 -3.53 12.14
CA VAL A 327 38.98 -4.31 11.32
C VAL A 327 38.29 -3.42 10.30
N ASP A 328 38.36 -3.79 9.02
CA ASP A 328 37.74 -3.02 7.97
C ASP A 328 36.30 -3.50 7.76
N ALA A 329 36.13 -4.81 7.72
CA ALA A 329 34.82 -5.40 7.54
C ALA A 329 34.78 -6.75 8.25
N VAL A 330 33.56 -7.22 8.52
CA VAL A 330 33.37 -8.51 9.18
C VAL A 330 31.98 -9.03 8.85
N PHE A 331 31.84 -10.35 8.89
CA PHE A 331 30.56 -11.00 8.65
C PHE A 331 30.60 -12.47 9.05
N MET A 332 29.45 -12.97 9.50
CA MET A 332 29.35 -14.34 9.92
C MET A 332 28.57 -15.18 8.90
N LYS A 333 29.14 -16.33 8.55
CA LYS A 333 28.58 -17.26 7.58
C LYS A 333 29.07 -18.68 7.95
N ASP A 334 28.13 -19.61 8.19
CA ASP A 334 28.46 -21.00 8.57
C ASP A 334 29.15 -21.06 9.95
N GLY A 335 28.53 -20.45 10.96
CA GLY A 335 29.08 -20.45 12.30
C GLY A 335 30.45 -19.82 12.43
N PHE A 336 31.07 -19.48 11.30
CA PHE A 336 32.40 -18.86 11.27
C PHE A 336 32.38 -17.34 11.14
N PHE A 337 33.36 -16.69 11.74
CA PHE A 337 33.48 -15.24 11.65
C PHE A 337 34.57 -14.95 10.62
N TYR A 338 34.28 -14.15 9.61
CA TYR A 338 35.32 -13.83 8.63
C TYR A 338 35.73 -12.37 8.77
N PHE A 339 36.87 -12.13 9.41
CA PHE A 339 37.36 -10.79 9.63
C PHE A 339 38.14 -10.29 8.43
N PHE A 340 37.98 -9.01 8.11
CA PHE A 340 38.70 -8.45 7.00
C PHE A 340 39.44 -7.22 7.44
N HIS A 341 40.73 -7.19 7.13
CA HIS A 341 41.56 -6.03 7.43
C HIS A 341 42.54 -5.96 6.28
N GLY A 342 42.72 -4.77 5.70
CA GLY A 342 43.64 -4.64 4.58
C GLY A 342 43.27 -5.67 3.53
N THR A 343 44.25 -6.38 2.99
CA THR A 343 43.94 -7.40 1.98
C THR A 343 43.75 -8.80 2.55
N ARG A 344 43.83 -8.95 3.86
CA ARG A 344 43.67 -10.28 4.42
C ARG A 344 42.37 -10.57 5.15
N GLN A 345 41.89 -11.78 4.95
CA GLN A 345 40.64 -12.27 5.54
C GLN A 345 40.97 -13.43 6.51
N TYR A 346 40.52 -13.33 7.76
CA TYR A 346 40.78 -14.39 8.73
C TYR A 346 39.52 -15.18 8.96
N LYS A 347 39.64 -16.51 8.94
CA LYS A 347 38.50 -17.37 9.20
C LYS A 347 38.51 -17.72 10.69
N PHE A 348 38.01 -16.81 11.51
CA PHE A 348 37.97 -17.00 12.96
C PHE A 348 36.88 -17.97 13.39
N ASP A 349 37.22 -18.80 14.37
CA ASP A 349 36.30 -19.79 14.89
C ASP A 349 35.81 -19.36 16.28
N PRO A 350 34.57 -18.87 16.39
CA PRO A 350 34.05 -18.42 17.69
C PRO A 350 34.07 -19.53 18.74
N LYS A 351 33.63 -20.72 18.31
CA LYS A 351 33.56 -21.91 19.15
C LYS A 351 34.83 -22.21 19.95
N THR A 352 35.99 -22.15 19.27
CA THR A 352 37.29 -22.41 19.89
C THR A 352 38.24 -21.22 19.76
N LYS A 353 37.67 -20.04 19.54
CA LYS A 353 38.41 -18.79 19.39
C LYS A 353 39.81 -19.00 18.81
N ARG A 354 39.86 -19.40 17.55
CA ARG A 354 41.15 -19.65 16.92
C ARG A 354 41.09 -19.28 15.44
N ILE A 355 42.15 -18.65 14.95
CA ILE A 355 42.23 -18.25 13.55
C ILE A 355 42.57 -19.48 12.73
N LEU A 356 41.54 -20.08 12.12
CA LEU A 356 41.69 -21.27 11.31
C LEU A 356 42.38 -21.09 9.95
N THR A 357 42.02 -20.05 9.20
CA THR A 357 42.62 -19.86 7.87
C THR A 357 42.82 -18.40 7.39
N LEU A 358 44.09 -18.00 7.22
CA LEU A 358 44.37 -16.66 6.71
C LEU A 358 44.16 -16.79 5.23
N GLN A 359 43.67 -15.74 4.58
CA GLN A 359 43.42 -15.81 3.16
C GLN A 359 43.20 -14.45 2.49
N LYS A 360 43.20 -14.47 1.17
CA LYS A 360 43.00 -13.25 0.38
C LYS A 360 41.62 -12.64 0.63
N ALA A 361 41.57 -11.31 0.69
CA ALA A 361 40.30 -10.63 0.91
C ALA A 361 39.33 -10.92 -0.23
N ASN A 362 39.86 -10.95 -1.44
CA ASN A 362 39.01 -11.20 -2.58
C ASN A 362 38.84 -12.69 -2.82
N SER A 363 39.38 -13.51 -1.92
CA SER A 363 39.27 -14.95 -2.09
C SER A 363 37.85 -15.42 -2.37
N TRP A 364 36.89 -14.85 -1.65
CA TRP A 364 35.50 -15.26 -1.83
C TRP A 364 34.98 -15.17 -3.26
N PHE A 365 35.80 -14.68 -4.19
CA PHE A 365 35.36 -14.58 -5.57
C PHE A 365 36.00 -15.65 -6.48
N ASN A 366 35.64 -15.60 -7.75
CA ASN A 366 36.14 -16.56 -8.72
C ASN A 366 37.37 -16.01 -9.45
N CYS A 367 38.56 -16.17 -8.88
CA CYS A 367 39.77 -15.63 -9.51
C CYS A 367 40.88 -16.62 -9.94
N PHE B 1 -39.86 4.30 12.88
CA PHE B 1 -40.21 5.26 11.79
C PHE B 1 -40.81 6.54 12.33
N VAL B 2 -40.56 7.62 11.63
CA VAL B 2 -41.04 8.92 12.05
C VAL B 2 -41.67 9.56 10.86
N LEU B 3 -42.88 10.04 11.02
CA LEU B 3 -43.54 10.72 9.91
C LEU B 3 -43.07 12.19 10.00
N THR B 4 -42.80 12.80 8.85
CA THR B 4 -42.36 14.18 8.80
C THR B 4 -43.32 15.02 9.62
N GLU B 5 -42.82 16.09 10.23
CA GLU B 5 -43.65 16.96 11.03
C GLU B 5 -44.71 17.60 10.15
N GLY B 6 -45.89 17.86 10.72
CA GLY B 6 -46.96 18.46 9.94
C GLY B 6 -47.73 17.46 9.10
N ASN B 7 -47.20 16.24 9.00
CA ASN B 7 -47.86 15.20 8.25
C ASN B 7 -48.11 15.52 6.78
N PRO B 8 -47.07 15.99 6.07
CA PRO B 8 -47.26 16.31 4.66
C PRO B 8 -47.47 15.02 3.91
N ARG B 9 -48.39 15.02 2.97
CA ARG B 9 -48.67 13.82 2.19
C ARG B 9 -49.18 14.25 0.82
N TRP B 10 -49.21 13.33 -0.13
CA TRP B 10 -49.74 13.67 -1.45
C TRP B 10 -51.22 13.28 -1.46
N GLU B 11 -52.11 14.26 -1.64
CA GLU B 11 -53.52 13.96 -1.66
C GLU B 11 -53.83 13.40 -3.04
N GLN B 12 -52.84 13.54 -3.95
CA GLN B 12 -52.91 13.08 -5.35
C GLN B 12 -52.32 11.67 -5.61
N THR B 13 -53.12 10.63 -5.38
CA THR B 13 -52.68 9.24 -5.57
C THR B 13 -51.83 8.86 -6.78
N HIS B 14 -51.96 9.56 -7.90
CA HIS B 14 -51.15 9.19 -9.05
C HIS B 14 -50.07 10.22 -9.39
N LEU B 15 -48.90 9.99 -8.83
CA LEU B 15 -47.75 10.85 -8.99
C LEU B 15 -46.99 10.65 -10.29
N THR B 16 -46.13 11.61 -10.60
CA THR B 16 -45.29 11.63 -11.78
C THR B 16 -43.98 12.29 -11.34
N TYR B 17 -42.87 11.77 -11.84
CA TYR B 17 -41.56 12.30 -11.50
C TYR B 17 -40.83 12.54 -12.81
N ARG B 18 -39.73 13.29 -12.73
CA ARG B 18 -38.92 13.58 -13.91
C ARG B 18 -37.49 13.85 -13.53
N ILE B 19 -36.54 13.22 -14.22
CA ILE B 19 -35.14 13.45 -13.94
C ILE B 19 -34.69 14.66 -14.76
N GLU B 20 -34.61 15.82 -14.13
CA GLU B 20 -34.21 17.00 -14.88
C GLU B 20 -32.87 16.74 -15.54
N ASN B 21 -31.78 16.82 -14.80
CA ASN B 21 -30.47 16.56 -15.42
C ASN B 21 -29.90 15.19 -15.04
N TYR B 22 -28.75 14.85 -15.63
CA TYR B 22 -28.09 13.60 -15.35
C TYR B 22 -26.64 13.83 -14.98
N THR B 23 -26.14 12.98 -14.10
CA THR B 23 -24.76 13.07 -13.68
C THR B 23 -23.93 12.36 -14.73
N PRO B 24 -22.68 12.80 -14.90
CA PRO B 24 -21.75 12.22 -15.87
C PRO B 24 -21.29 10.81 -15.44
N ASP B 25 -21.21 10.62 -14.12
CA ASP B 25 -20.77 9.36 -13.52
C ASP B 25 -21.43 8.09 -14.06
N LEU B 26 -22.62 8.24 -14.65
CA LEU B 26 -23.38 7.10 -15.16
C LEU B 26 -24.09 7.33 -16.48
N PRO B 27 -24.28 6.25 -17.26
CA PRO B 27 -24.97 6.33 -18.55
C PRO B 27 -26.43 6.75 -18.29
N ARG B 28 -27.03 7.53 -19.19
CA ARG B 28 -28.40 7.95 -18.98
C ARG B 28 -29.37 6.82 -18.68
N ALA B 29 -29.27 5.71 -19.42
CA ALA B 29 -30.15 4.54 -19.23
C ALA B 29 -30.02 3.91 -17.85
N ASP B 30 -28.81 3.96 -17.31
CA ASP B 30 -28.53 3.38 -16.02
C ASP B 30 -29.20 4.19 -14.91
N VAL B 31 -29.16 5.52 -15.05
CA VAL B 31 -29.78 6.42 -14.08
C VAL B 31 -31.30 6.30 -14.15
N ASP B 32 -31.86 6.21 -15.36
CA ASP B 32 -33.31 6.08 -15.52
C ASP B 32 -33.77 4.86 -14.74
N HIS B 33 -33.01 3.78 -14.91
CA HIS B 33 -33.30 2.51 -14.28
C HIS B 33 -33.12 2.61 -12.77
N ALA B 34 -32.01 3.18 -12.34
CA ALA B 34 -31.73 3.32 -10.92
C ALA B 34 -32.89 4.00 -10.21
N ILE B 35 -33.39 5.09 -10.77
CA ILE B 35 -34.50 5.82 -10.16
C ILE B 35 -35.81 5.08 -10.32
N GLU B 36 -36.01 4.45 -11.46
CA GLU B 36 -37.25 3.69 -11.71
C GLU B 36 -37.39 2.63 -10.62
N LYS B 37 -36.40 1.74 -10.54
CA LYS B 37 -36.40 0.68 -9.56
C LYS B 37 -36.61 1.20 -8.17
N ALA B 38 -35.97 2.33 -7.85
CA ALA B 38 -36.11 2.94 -6.53
C ALA B 38 -37.58 3.26 -6.29
N PHE B 39 -38.15 4.12 -7.12
CA PHE B 39 -39.56 4.49 -7.01
C PHE B 39 -40.46 3.28 -6.83
N GLN B 40 -40.03 2.15 -7.38
CA GLN B 40 -40.79 0.90 -7.28
C GLN B 40 -40.86 0.34 -5.86
N LEU B 41 -39.74 0.39 -5.12
CA LEU B 41 -39.71 -0.11 -3.75
C LEU B 41 -40.85 0.48 -2.93
N TRP B 42 -41.14 1.76 -3.13
CA TRP B 42 -42.21 2.38 -2.37
C TRP B 42 -43.59 2.05 -2.93
N SER B 43 -43.72 2.13 -4.24
CA SER B 43 -44.98 1.83 -4.86
C SER B 43 -45.36 0.37 -4.63
N ASN B 44 -44.36 -0.49 -4.41
CA ASN B 44 -44.60 -1.92 -4.17
C ASN B 44 -45.35 -2.25 -2.88
N VAL B 45 -45.30 -1.33 -1.91
CA VAL B 45 -45.94 -1.52 -0.61
C VAL B 45 -47.06 -0.53 -0.27
N THR B 46 -47.48 0.24 -1.27
CA THR B 46 -48.52 1.24 -1.10
C THR B 46 -49.43 1.27 -2.31
N PRO B 47 -50.45 2.14 -2.30
CA PRO B 47 -51.39 2.26 -3.41
C PRO B 47 -50.91 3.30 -4.43
N LEU B 48 -49.72 3.85 -4.19
CA LEU B 48 -49.12 4.88 -5.05
C LEU B 48 -48.55 4.31 -6.33
N THR B 49 -48.53 5.15 -7.37
CA THR B 49 -47.96 4.77 -8.66
C THR B 49 -47.01 5.89 -9.05
N PHE B 50 -45.99 5.58 -9.84
CA PHE B 50 -45.01 6.59 -10.23
C PHE B 50 -44.68 6.56 -11.69
N THR B 51 -45.27 7.48 -12.43
CA THR B 51 -45.04 7.60 -13.85
C THR B 51 -43.99 8.67 -14.08
N LYS B 52 -43.15 8.47 -15.08
CA LYS B 52 -42.07 9.40 -15.42
C LYS B 52 -42.31 10.24 -16.66
N VAL B 53 -42.69 11.50 -16.50
CA VAL B 53 -42.93 12.40 -17.63
C VAL B 53 -41.56 12.87 -18.11
N SER B 54 -41.34 12.83 -19.42
CA SER B 54 -40.06 13.24 -19.99
C SER B 54 -39.83 14.73 -20.15
N GLU B 55 -40.86 15.53 -19.85
CA GLU B 55 -40.75 16.97 -19.95
C GLU B 55 -41.89 17.64 -19.20
N GLY B 56 -41.71 18.91 -18.88
CA GLY B 56 -42.74 19.64 -18.18
C GLY B 56 -42.54 19.53 -16.69
N GLN B 57 -43.64 19.61 -15.95
CA GLN B 57 -43.58 19.53 -14.50
C GLN B 57 -44.05 18.18 -13.99
N ALA B 58 -43.22 17.59 -13.15
CA ALA B 58 -43.52 16.31 -12.55
C ALA B 58 -43.74 16.61 -11.07
N ASP B 59 -44.49 15.76 -10.38
CA ASP B 59 -44.71 15.98 -8.96
C ASP B 59 -43.38 15.99 -8.22
N ILE B 60 -42.43 15.19 -8.71
CA ILE B 60 -41.10 15.05 -8.13
C ILE B 60 -39.99 15.35 -9.14
N MET B 61 -39.32 16.48 -8.99
CA MET B 61 -38.23 16.83 -9.88
C MET B 61 -36.94 16.30 -9.31
N ILE B 62 -36.29 15.42 -10.06
CA ILE B 62 -35.03 14.85 -9.62
C ILE B 62 -33.91 15.51 -10.41
N SER B 63 -32.88 15.98 -9.70
CA SER B 63 -31.76 16.64 -10.37
C SER B 63 -30.44 16.44 -9.62
N PHE B 64 -29.33 16.63 -10.32
CA PHE B 64 -27.99 16.51 -9.70
C PHE B 64 -27.40 17.92 -9.66
N VAL B 65 -26.92 18.33 -8.48
CA VAL B 65 -26.38 19.68 -8.34
C VAL B 65 -25.16 19.73 -7.41
N ARG B 66 -24.35 20.78 -7.55
CA ARG B 66 -23.15 20.95 -6.73
C ARG B 66 -23.28 22.05 -5.70
N GLY B 67 -22.39 22.04 -4.71
CA GLY B 67 -22.40 23.04 -3.67
C GLY B 67 -23.70 23.82 -3.54
N ASP B 68 -23.63 25.12 -3.75
CA ASP B 68 -24.80 25.97 -3.63
C ASP B 68 -25.68 25.87 -4.88
N HIS B 69 -27.00 25.84 -4.69
CA HIS B 69 -27.89 25.75 -5.84
C HIS B 69 -29.27 26.37 -5.73
N ARG B 70 -29.34 27.62 -5.28
CA ARG B 70 -30.61 28.35 -5.17
C ARG B 70 -31.68 27.56 -4.41
N ASP B 71 -31.32 26.82 -3.37
CA ASP B 71 -32.34 26.07 -2.65
C ASP B 71 -32.23 26.03 -1.13
N ASN B 72 -31.32 26.81 -0.56
CA ASN B 72 -31.14 26.91 0.91
C ASN B 72 -30.40 25.77 1.63
N SER B 73 -30.14 24.67 0.93
CA SER B 73 -29.44 23.54 1.52
C SER B 73 -28.24 23.15 0.65
N PRO B 74 -27.19 24.00 0.64
CA PRO B 74 -25.97 23.77 -0.15
C PRO B 74 -25.32 22.43 0.16
N PHE B 75 -24.73 21.79 -0.84
CA PHE B 75 -24.08 20.53 -0.59
C PHE B 75 -22.67 20.78 -0.09
N ASP B 76 -22.06 19.77 0.53
CA ASP B 76 -20.74 19.90 1.12
C ASP B 76 -19.59 19.29 0.34
N GLY B 77 -19.69 19.25 -0.97
CA GLY B 77 -18.61 18.66 -1.74
C GLY B 77 -18.56 17.16 -1.60
N PRO B 78 -17.40 16.53 -1.81
CA PRO B 78 -17.28 15.07 -1.70
C PRO B 78 -17.47 14.51 -0.30
N GLY B 79 -18.39 13.57 -0.17
CA GLY B 79 -18.63 12.95 1.14
C GLY B 79 -19.75 13.58 1.95
N GLY B 80 -19.88 13.13 3.19
CA GLY B 80 -20.93 13.65 4.06
C GLY B 80 -22.31 13.51 3.45
N ASN B 81 -23.04 14.62 3.37
CA ASN B 81 -24.37 14.61 2.80
C ASN B 81 -24.32 14.19 1.34
N LEU B 82 -25.13 13.21 0.99
CA LEU B 82 -25.14 12.70 -0.37
C LEU B 82 -26.31 13.20 -1.20
N ALA B 83 -27.38 13.61 -0.50
CA ALA B 83 -28.58 14.10 -1.16
C ALA B 83 -29.62 14.64 -0.15
N HIS B 84 -30.66 15.30 -0.65
CA HIS B 84 -31.76 15.78 0.18
C HIS B 84 -33.02 15.82 -0.68
N ALA B 85 -34.18 15.71 -0.04
CA ALA B 85 -35.47 15.72 -0.75
C ALA B 85 -36.45 16.52 0.11
N PHE B 86 -37.45 17.15 -0.52
CA PHE B 86 -38.37 17.95 0.25
C PHE B 86 -39.70 17.25 0.42
N GLN B 87 -40.32 17.41 1.58
CA GLN B 87 -41.61 16.80 1.84
C GLN B 87 -42.60 17.12 0.72
N PRO B 88 -43.69 16.33 0.62
CA PRO B 88 -44.72 16.53 -0.41
C PRO B 88 -45.29 17.93 -0.41
N GLY B 89 -45.81 18.34 -1.55
CA GLY B 89 -46.40 19.65 -1.70
C GLY B 89 -46.20 20.18 -3.11
N PRO B 90 -46.73 21.37 -3.40
CA PRO B 90 -46.61 22.00 -4.72
C PRO B 90 -45.27 22.67 -4.92
N GLY B 91 -44.86 22.82 -6.17
CA GLY B 91 -43.59 23.46 -6.43
C GLY B 91 -42.41 22.60 -6.02
N ILE B 92 -41.37 23.24 -5.48
CA ILE B 92 -40.16 22.52 -5.06
C ILE B 92 -40.49 21.33 -4.17
N GLY B 93 -41.73 21.27 -3.68
CA GLY B 93 -42.14 20.17 -2.82
C GLY B 93 -41.99 18.81 -3.47
N GLY B 94 -41.43 17.87 -2.72
CA GLY B 94 -41.26 16.52 -3.26
C GLY B 94 -40.08 16.35 -4.21
N ASP B 95 -39.11 17.24 -4.12
CA ASP B 95 -37.93 17.17 -5.00
C ASP B 95 -36.72 16.51 -4.36
N ALA B 96 -35.95 15.83 -5.20
CA ALA B 96 -34.74 15.16 -4.76
C ALA B 96 -33.53 15.73 -5.47
N HIS B 97 -32.55 16.15 -4.69
CA HIS B 97 -31.32 16.71 -5.23
C HIS B 97 -30.20 15.75 -4.80
N PHE B 98 -29.37 15.35 -5.75
CA PHE B 98 -28.28 14.46 -5.47
C PHE B 98 -27.00 15.23 -5.62
N ASP B 99 -26.21 15.27 -4.57
CA ASP B 99 -24.94 16.01 -4.62
C ASP B 99 -24.06 15.48 -5.74
N GLU B 100 -23.91 16.27 -6.79
CA GLU B 100 -23.10 15.86 -7.92
C GLU B 100 -21.64 15.69 -7.55
N ASP B 101 -21.16 16.43 -6.55
CA ASP B 101 -19.75 16.32 -6.14
C ASP B 101 -19.44 14.88 -5.74
N GLU B 102 -20.47 14.02 -5.76
CA GLU B 102 -20.33 12.61 -5.41
C GLU B 102 -20.09 11.72 -6.64
N ARG B 103 -19.45 10.58 -6.42
CA ARG B 103 -19.22 9.65 -7.51
C ARG B 103 -20.37 8.67 -7.46
N TRP B 104 -21.36 8.89 -8.31
CA TRP B 104 -22.52 8.03 -8.35
C TRP B 104 -22.22 6.76 -9.11
N THR B 105 -22.63 5.62 -8.58
CA THR B 105 -22.36 4.35 -9.25
C THR B 105 -23.51 3.37 -9.24
N ASN B 106 -23.39 2.34 -10.06
CA ASN B 106 -24.41 1.31 -10.15
C ASN B 106 -23.77 -0.01 -9.72
N ASN B 107 -22.89 0.09 -8.73
CA ASN B 107 -22.20 -1.07 -8.19
C ASN B 107 -21.94 -0.93 -6.70
N PHE B 108 -20.92 -1.64 -6.22
CA PHE B 108 -20.57 -1.64 -4.80
C PHE B 108 -19.70 -0.46 -4.42
N ARG B 109 -18.95 0.07 -5.38
CA ARG B 109 -18.09 1.22 -5.14
C ARG B 109 -18.81 2.30 -4.35
N GLU B 110 -18.04 3.12 -3.64
CA GLU B 110 -18.60 4.19 -2.81
C GLU B 110 -19.65 5.07 -3.49
N TYR B 111 -20.86 4.96 -2.92
CA TYR B 111 -22.07 5.69 -3.30
C TYR B 111 -22.88 5.21 -4.49
N ASN B 112 -23.59 4.12 -4.21
CA ASN B 112 -24.47 3.47 -5.16
C ASN B 112 -25.71 4.34 -5.25
N LEU B 113 -25.95 4.86 -6.45
CA LEU B 113 -27.11 5.74 -6.67
C LEU B 113 -28.41 5.14 -6.20
N HIS B 114 -28.74 3.93 -6.67
CA HIS B 114 -30.00 3.29 -6.28
C HIS B 114 -30.25 3.36 -4.76
N ARG B 115 -29.32 2.82 -3.98
CA ARG B 115 -29.44 2.83 -2.52
C ARG B 115 -29.63 4.23 -1.95
N VAL B 116 -28.97 5.22 -2.52
CA VAL B 116 -29.15 6.55 -1.98
C VAL B 116 -30.51 7.10 -2.43
N ALA B 117 -30.91 6.78 -3.64
CA ALA B 117 -32.20 7.25 -4.15
C ALA B 117 -33.34 6.78 -3.27
N ALA B 118 -33.37 5.49 -2.99
CA ALA B 118 -34.44 4.91 -2.18
C ALA B 118 -34.65 5.66 -0.86
N HIS B 119 -33.56 6.14 -0.26
CA HIS B 119 -33.67 6.86 0.99
C HIS B 119 -34.34 8.21 0.70
N ALA B 120 -33.76 8.95 -0.24
CA ALA B 120 -34.27 10.26 -0.61
C ALA B 120 -35.78 10.27 -0.86
N LEU B 121 -36.25 9.30 -1.65
CA LEU B 121 -37.67 9.18 -1.99
C LEU B 121 -38.56 8.86 -0.81
N GLY B 122 -37.97 8.61 0.34
CA GLY B 122 -38.78 8.34 1.50
C GLY B 122 -39.19 9.71 2.00
N HIS B 123 -38.26 10.65 1.92
CA HIS B 123 -38.52 12.02 2.31
C HIS B 123 -39.54 12.66 1.35
N SER B 124 -39.35 12.41 0.05
CA SER B 124 -40.26 12.95 -0.96
C SER B 124 -41.69 12.42 -0.84
N LEU B 125 -41.88 11.30 -0.15
CA LEU B 125 -43.21 10.73 0.01
C LEU B 125 -43.84 11.13 1.34
N GLY B 126 -43.00 11.56 2.28
CA GLY B 126 -43.54 11.99 3.56
C GLY B 126 -42.93 11.37 4.80
N LEU B 127 -41.80 10.71 4.66
CA LEU B 127 -41.13 10.06 5.77
C LEU B 127 -39.90 10.82 6.24
N SER B 128 -39.66 10.81 7.53
CA SER B 128 -38.48 11.44 8.08
C SER B 128 -37.59 10.33 8.56
N HIS B 129 -36.42 10.69 9.08
CA HIS B 129 -35.47 9.72 9.55
C HIS B 129 -35.99 8.80 10.66
N SER B 130 -35.66 7.53 10.55
CA SER B 130 -36.08 6.52 11.54
C SER B 130 -34.99 6.34 12.57
N THR B 131 -35.38 6.12 13.82
CA THR B 131 -34.37 5.93 14.85
C THR B 131 -33.93 4.45 14.90
N ASP B 132 -34.57 3.63 14.07
CA ASP B 132 -34.25 2.20 13.98
C ASP B 132 -33.05 2.01 13.05
N ILE B 133 -31.90 1.64 13.59
CA ILE B 133 -30.68 1.47 12.78
C ILE B 133 -30.82 0.63 11.53
N GLY B 134 -31.76 -0.32 11.56
CA GLY B 134 -31.93 -1.21 10.41
C GLY B 134 -32.84 -0.73 9.30
N ALA B 135 -33.49 0.41 9.48
CA ALA B 135 -34.37 0.94 8.46
C ALA B 135 -33.55 1.56 7.34
N LEU B 136 -34.22 1.76 6.21
CA LEU B 136 -33.61 2.37 5.05
C LEU B 136 -33.59 3.86 5.37
N MET B 137 -34.61 4.29 6.11
CA MET B 137 -34.75 5.69 6.49
C MET B 137 -33.87 6.13 7.66
N TYR B 138 -32.74 5.46 7.82
CA TYR B 138 -31.80 5.80 8.89
C TYR B 138 -30.71 6.66 8.23
N PRO B 139 -30.40 7.82 8.81
CA PRO B 139 -29.39 8.79 8.34
C PRO B 139 -27.97 8.26 8.26
N SER B 140 -27.79 7.15 7.56
CA SER B 140 -26.48 6.55 7.43
C SER B 140 -26.45 5.66 6.21
N TYR B 141 -25.46 5.88 5.35
CA TYR B 141 -25.32 5.09 4.14
C TYR B 141 -24.57 3.81 4.41
N THR B 142 -25.23 2.70 4.12
CA THR B 142 -24.68 1.37 4.26
C THR B 142 -25.14 0.70 2.97
N PHE B 143 -24.55 -0.43 2.61
CA PHE B 143 -24.91 -1.12 1.37
C PHE B 143 -24.15 -2.44 1.26
N SER B 144 -24.89 -3.54 1.28
CA SER B 144 -24.30 -4.88 1.19
C SER B 144 -24.55 -5.52 -0.17
N GLY B 145 -25.09 -4.76 -1.12
CA GLY B 145 -25.32 -5.25 -2.47
C GLY B 145 -26.78 -5.36 -2.85
N ASP B 146 -27.60 -5.40 -1.81
CA ASP B 146 -29.05 -5.53 -1.93
C ASP B 146 -29.61 -4.17 -1.45
N VAL B 147 -30.87 -3.87 -1.80
CA VAL B 147 -31.56 -2.64 -1.33
C VAL B 147 -33.06 -2.91 -1.17
N GLN B 148 -33.52 -3.03 0.07
CA GLN B 148 -34.92 -3.29 0.31
C GLN B 148 -35.46 -2.45 1.47
N LEU B 149 -36.78 -2.39 1.59
CA LEU B 149 -37.37 -1.63 2.69
C LEU B 149 -37.37 -2.53 3.94
N ALA B 150 -37.10 -1.94 5.09
CA ALA B 150 -37.12 -2.73 6.32
C ALA B 150 -38.57 -2.69 6.73
N GLN B 151 -39.00 -3.67 7.53
CA GLN B 151 -40.39 -3.69 7.97
C GLN B 151 -40.73 -2.34 8.56
N ASP B 152 -39.73 -1.66 9.11
CA ASP B 152 -39.96 -0.35 9.69
C ASP B 152 -40.41 0.66 8.65
N ASP B 153 -39.76 0.64 7.50
CA ASP B 153 -40.09 1.56 6.42
C ASP B 153 -41.45 1.21 5.85
N ILE B 154 -41.73 -0.08 5.73
CA ILE B 154 -43.00 -0.55 5.20
C ILE B 154 -44.15 -0.12 6.11
N ASP B 155 -43.91 -0.14 7.42
CA ASP B 155 -44.90 0.26 8.41
C ASP B 155 -45.20 1.75 8.29
N GLY B 156 -44.12 2.54 8.31
CA GLY B 156 -44.24 3.98 8.25
C GLY B 156 -44.93 4.47 7.00
N ILE B 157 -44.52 3.95 5.86
CA ILE B 157 -45.11 4.41 4.61
C ILE B 157 -46.60 4.03 4.52
N GLN B 158 -46.97 2.83 4.94
CA GLN B 158 -48.36 2.42 4.87
C GLN B 158 -49.18 3.14 5.93
N ALA B 159 -48.49 3.78 6.87
CA ALA B 159 -49.17 4.52 7.91
C ALA B 159 -49.72 5.80 7.26
N ILE B 160 -49.04 6.27 6.23
CA ILE B 160 -49.44 7.47 5.51
C ILE B 160 -50.44 7.21 4.37
N TYR B 161 -50.16 6.20 3.56
CA TYR B 161 -50.98 5.90 2.40
C TYR B 161 -51.81 4.62 2.37
N GLY B 162 -51.46 3.62 3.17
CA GLY B 162 -52.19 2.36 3.15
C GLY B 162 -51.39 1.30 2.42
N ARG B 163 -51.89 0.07 2.34
CA ARG B 163 -51.16 -1.02 1.69
C ARG B 163 -51.27 -1.14 0.16
N SER B 164 -50.38 -1.97 -0.38
CA SER B 164 -50.35 -2.26 -1.81
C SER B 164 -51.59 -3.09 -2.08
N GLN B 165 -52.19 -2.94 -3.25
CA GLN B 165 -53.37 -3.70 -3.58
C GLN B 165 -52.99 -5.15 -3.88
N ASN B 166 -51.69 -5.39 -4.11
CA ASN B 166 -51.18 -6.72 -4.37
C ASN B 166 -51.84 -7.68 -3.39
N PRO B 167 -52.24 -8.87 -3.85
CA PRO B 167 -52.90 -9.84 -2.97
C PRO B 167 -52.02 -10.53 -1.90
N VAL B 168 -50.73 -10.68 -2.20
CA VAL B 168 -49.82 -11.33 -1.24
C VAL B 168 -49.33 -10.44 -0.09
N GLN B 169 -48.94 -9.19 -0.38
CA GLN B 169 -48.50 -8.26 0.66
C GLN B 169 -47.03 -8.38 1.06
N PRO B 170 -46.18 -7.46 0.56
CA PRO B 170 -44.75 -7.48 0.86
C PRO B 170 -44.41 -7.21 2.33
N ILE B 171 -43.31 -7.80 2.79
CA ILE B 171 -42.84 -7.61 4.17
C ILE B 171 -41.32 -7.43 4.17
N GLY B 172 -40.82 -6.75 5.19
CA GLY B 172 -39.39 -6.50 5.26
C GLY B 172 -38.72 -7.10 6.47
N PRO B 173 -37.38 -7.07 6.48
CA PRO B 173 -36.53 -7.58 7.54
C PRO B 173 -36.63 -6.80 8.83
N GLN B 174 -36.73 -7.51 9.94
CA GLN B 174 -36.83 -6.89 11.26
C GLN B 174 -35.49 -6.78 11.96
N THR B 175 -35.38 -5.73 12.74
CA THR B 175 -34.17 -5.42 13.49
C THR B 175 -34.20 -6.07 14.88
N PRO B 176 -33.10 -6.69 15.30
CA PRO B 176 -33.01 -7.34 16.60
C PRO B 176 -32.81 -6.33 17.72
N LYS B 177 -33.25 -6.70 18.91
CA LYS B 177 -33.13 -5.85 20.07
C LYS B 177 -32.24 -6.61 21.03
N ALA B 178 -31.07 -6.04 21.33
CA ALA B 178 -30.10 -6.68 22.21
C ALA B 178 -30.75 -7.27 23.43
N CYS B 179 -31.52 -6.46 24.15
CA CYS B 179 -32.17 -6.96 25.36
C CYS B 179 -33.59 -7.42 25.13
N ASP B 180 -33.73 -8.61 24.61
CA ASP B 180 -35.03 -9.18 24.34
C ASP B 180 -34.91 -10.69 24.36
N SER B 181 -35.51 -11.32 25.36
CA SER B 181 -35.46 -12.77 25.46
C SER B 181 -36.05 -13.33 24.16
N LYS B 182 -35.71 -14.57 23.85
CA LYS B 182 -36.16 -15.22 22.63
C LYS B 182 -35.13 -14.95 21.55
N LEU B 183 -34.39 -13.85 21.72
CA LEU B 183 -33.34 -13.45 20.79
C LEU B 183 -32.43 -14.66 20.68
N THR B 184 -31.99 -14.94 19.46
CA THR B 184 -31.12 -16.07 19.18
C THR B 184 -30.01 -15.65 18.22
N PHE B 185 -29.02 -16.51 18.03
CA PHE B 185 -27.90 -16.15 17.17
C PHE B 185 -27.63 -17.09 16.00
N ASP B 186 -26.94 -16.54 15.00
CA ASP B 186 -26.55 -17.28 13.82
C ASP B 186 -25.14 -17.74 14.07
N ALA B 187 -24.30 -16.80 14.51
CA ALA B 187 -22.89 -17.08 14.80
C ALA B 187 -22.30 -16.07 15.78
N ILE B 188 -21.25 -16.47 16.51
CA ILE B 188 -20.58 -15.59 17.47
C ILE B 188 -19.06 -15.75 17.31
N THR B 189 -18.33 -14.65 17.18
CA THR B 189 -16.89 -14.77 17.03
C THR B 189 -16.19 -13.84 18.00
N THR B 190 -14.88 -14.00 18.16
CA THR B 190 -14.15 -13.15 19.07
C THR B 190 -13.16 -12.27 18.37
N ILE B 191 -13.55 -11.66 17.27
CA ILE B 191 -12.63 -10.79 16.57
C ILE B 191 -11.85 -9.85 17.50
N ARG B 192 -10.52 -9.92 17.40
CA ARG B 192 -9.60 -9.11 18.18
C ARG B 192 -10.05 -8.53 19.51
N GLY B 193 -9.96 -9.31 20.59
CA GLY B 193 -10.30 -8.80 21.91
C GLY B 193 -11.75 -8.64 22.26
N GLU B 194 -12.57 -8.34 21.26
CA GLU B 194 -13.99 -8.20 21.54
C GLU B 194 -14.76 -9.42 21.09
N VAL B 195 -16.06 -9.42 21.32
CA VAL B 195 -16.92 -10.53 20.94
C VAL B 195 -18.03 -9.98 20.08
N MET B 196 -18.24 -10.60 18.92
CA MET B 196 -19.27 -10.16 17.99
C MET B 196 -20.31 -11.22 17.71
N PHE B 197 -21.56 -10.96 18.12
CA PHE B 197 -22.68 -11.87 17.93
C PHE B 197 -23.42 -11.48 16.66
N PHE B 198 -23.76 -12.45 15.80
CA PHE B 198 -24.45 -12.16 14.55
C PHE B 198 -25.90 -12.65 14.48
N LYS B 199 -26.76 -11.79 13.93
CA LYS B 199 -28.18 -12.08 13.78
C LYS B 199 -28.62 -11.40 12.50
N ASP B 200 -28.88 -12.20 11.46
CA ASP B 200 -29.28 -11.69 10.15
C ASP B 200 -28.15 -10.86 9.56
N ARG B 201 -28.46 -9.63 9.16
CA ARG B 201 -27.47 -8.73 8.57
C ARG B 201 -26.90 -7.77 9.63
N PHE B 202 -27.13 -8.10 10.89
CA PHE B 202 -26.69 -7.29 12.03
C PHE B 202 -25.72 -8.00 12.96
N TYR B 203 -24.91 -7.22 13.66
CA TYR B 203 -23.97 -7.76 14.63
C TYR B 203 -24.17 -7.02 15.93
N MET B 204 -23.64 -7.59 17.01
CA MET B 204 -23.73 -6.96 18.32
C MET B 204 -22.34 -6.99 18.94
N ARG B 205 -21.67 -5.84 18.88
CA ARG B 205 -20.32 -5.62 19.39
C ARG B 205 -20.22 -5.43 20.90
N THR B 206 -19.51 -6.35 21.54
CA THR B 206 -19.30 -6.35 22.98
C THR B 206 -17.82 -6.16 23.26
N ASN B 207 -17.44 -5.00 23.78
CA ASN B 207 -16.04 -4.69 24.08
C ASN B 207 -15.81 -4.46 25.58
N PRO B 208 -14.77 -5.11 26.15
CA PRO B 208 -14.45 -4.98 27.57
C PRO B 208 -14.29 -3.54 28.12
N PHE B 209 -13.55 -2.68 27.42
CA PHE B 209 -13.34 -1.31 27.89
C PHE B 209 -14.58 -0.43 27.85
N TYR B 210 -15.64 -0.93 27.21
CA TYR B 210 -16.88 -0.17 27.08
C TYR B 210 -18.07 -0.86 27.69
N PRO B 211 -19.02 -0.08 28.23
CA PRO B 211 -20.22 -0.60 28.86
C PRO B 211 -21.38 -1.03 27.97
N GLU B 212 -21.54 -0.39 26.82
CA GLU B 212 -22.67 -0.70 25.94
C GLU B 212 -22.45 -1.71 24.81
N VAL B 213 -23.55 -2.33 24.40
CA VAL B 213 -23.52 -3.28 23.29
C VAL B 213 -23.79 -2.40 22.09
N GLU B 214 -23.10 -2.66 20.99
CA GLU B 214 -23.29 -1.85 19.79
C GLU B 214 -23.94 -2.68 18.70
N LEU B 215 -25.14 -2.30 18.27
CA LEU B 215 -25.84 -3.02 17.23
C LEU B 215 -25.68 -2.28 15.91
N ASN B 216 -25.45 -3.01 14.83
CA ASN B 216 -25.24 -2.38 13.54
C ASN B 216 -25.29 -3.36 12.38
N PHE B 217 -25.17 -2.83 11.16
CA PHE B 217 -25.16 -3.68 9.97
C PHE B 217 -23.77 -4.25 9.85
N ILE B 218 -23.71 -5.54 9.59
CA ILE B 218 -22.44 -6.21 9.47
C ILE B 218 -21.64 -5.52 8.38
N SER B 219 -22.37 -4.94 7.43
CA SER B 219 -21.77 -4.23 6.31
C SER B 219 -20.90 -3.03 6.70
N VAL B 220 -21.15 -2.44 7.87
CA VAL B 220 -20.36 -1.29 8.31
C VAL B 220 -18.87 -1.53 8.11
N PHE B 221 -18.45 -2.75 8.42
CA PHE B 221 -17.06 -3.13 8.29
C PHE B 221 -16.80 -4.00 7.07
N TRP B 222 -17.71 -4.92 6.76
CA TRP B 222 -17.54 -5.84 5.62
C TRP B 222 -18.72 -5.91 4.66
N PRO B 223 -18.79 -4.96 3.71
CA PRO B 223 -19.88 -4.91 2.73
C PRO B 223 -20.01 -6.15 1.85
N GLN B 224 -18.88 -6.80 1.53
CA GLN B 224 -18.93 -7.96 0.66
C GLN B 224 -19.07 -9.34 1.26
N LEU B 225 -19.46 -9.41 2.53
CA LEU B 225 -19.69 -10.70 3.14
C LEU B 225 -21.12 -11.00 2.76
N PRO B 226 -21.48 -12.28 2.71
CA PRO B 226 -22.86 -12.63 2.34
C PRO B 226 -23.85 -12.29 3.45
N ASN B 227 -25.09 -12.01 3.07
CA ASN B 227 -26.10 -11.70 4.08
C ASN B 227 -26.47 -13.00 4.79
N GLY B 228 -26.73 -12.94 6.10
CA GLY B 228 -27.10 -14.13 6.86
C GLY B 228 -26.04 -15.21 7.00
N LEU B 229 -25.07 -14.95 7.88
CA LEU B 229 -23.96 -15.88 8.13
C LEU B 229 -24.43 -17.11 8.93
N GLU B 230 -23.64 -18.18 8.91
CA GLU B 230 -24.00 -19.42 9.60
C GLU B 230 -23.09 -19.79 10.78
N ALA B 231 -21.83 -19.41 10.67
CA ALA B 231 -20.88 -19.73 11.73
C ALA B 231 -19.72 -18.77 11.54
N ALA B 232 -18.87 -18.67 12.55
CA ALA B 232 -17.74 -17.75 12.47
C ALA B 232 -16.78 -18.05 13.62
N TYR B 233 -15.48 -17.97 13.36
CA TYR B 233 -14.53 -18.21 14.41
C TYR B 233 -13.25 -17.44 14.15
N GLU B 234 -12.58 -17.00 15.20
CA GLU B 234 -11.34 -16.25 15.02
C GLU B 234 -10.18 -17.21 15.14
N PHE B 235 -9.14 -16.94 14.36
CA PHE B 235 -7.92 -17.74 14.37
C PHE B 235 -6.76 -16.79 14.67
N ALA B 236 -6.52 -16.59 15.96
CA ALA B 236 -5.49 -15.70 16.47
C ALA B 236 -4.20 -15.72 15.67
N ASP B 237 -3.53 -16.87 15.69
CA ASP B 237 -2.27 -17.05 14.98
C ASP B 237 -2.13 -16.29 13.66
N ARG B 238 -3.20 -16.26 12.86
CA ARG B 238 -3.14 -15.57 11.58
C ARG B 238 -4.09 -14.37 11.49
N ASP B 239 -4.42 -13.81 12.64
CA ASP B 239 -5.33 -12.68 12.70
C ASP B 239 -6.37 -12.78 11.59
N GLU B 240 -7.13 -13.86 11.61
CA GLU B 240 -8.17 -14.08 10.62
C GLU B 240 -9.48 -14.49 11.28
N VAL B 241 -10.58 -14.00 10.74
CA VAL B 241 -11.88 -14.38 11.24
C VAL B 241 -12.53 -15.02 10.04
N ARG B 242 -12.92 -16.28 10.16
CA ARG B 242 -13.54 -17.00 9.07
C ARG B 242 -15.06 -17.15 9.23
N PHE B 243 -15.79 -16.62 8.24
CA PHE B 243 -17.26 -16.65 8.23
C PHE B 243 -17.76 -17.76 7.31
N PHE B 244 -18.84 -18.40 7.72
CA PHE B 244 -19.38 -19.48 6.92
C PHE B 244 -20.80 -19.26 6.43
N LYS B 245 -21.01 -19.67 5.19
CA LYS B 245 -22.31 -19.57 4.56
C LYS B 245 -22.51 -20.75 3.63
N GLY B 246 -23.28 -21.73 4.08
CA GLY B 246 -23.54 -22.87 3.25
C GLY B 246 -22.35 -23.77 3.08
N ASN B 247 -21.87 -23.90 1.85
CA ASN B 247 -20.74 -24.77 1.58
C ASN B 247 -19.40 -24.06 1.46
N LYS B 248 -19.38 -22.74 1.46
CA LYS B 248 -18.09 -22.06 1.37
C LYS B 248 -17.93 -20.99 2.44
N TYR B 249 -16.69 -20.54 2.67
CA TYR B 249 -16.42 -19.53 3.69
C TYR B 249 -15.59 -18.34 3.20
N TRP B 250 -15.56 -17.30 4.03
CA TRP B 250 -14.82 -16.08 3.76
C TRP B 250 -13.83 -15.85 4.88
N ALA B 251 -12.62 -15.39 4.54
CA ALA B 251 -11.62 -15.12 5.54
C ALA B 251 -11.43 -13.61 5.60
N VAL B 252 -11.51 -13.04 6.79
CA VAL B 252 -11.34 -11.62 6.94
C VAL B 252 -10.14 -11.34 7.84
N GLN B 253 -9.30 -10.40 7.42
CA GLN B 253 -8.12 -10.01 8.17
C GLN B 253 -8.38 -8.60 8.72
N GLY B 254 -9.20 -8.55 9.76
CA GLY B 254 -9.53 -7.27 10.37
C GLY B 254 -10.74 -6.60 9.77
N GLN B 255 -10.49 -5.74 8.79
CA GLN B 255 -11.54 -5.00 8.13
C GLN B 255 -11.52 -5.23 6.63
N ASN B 256 -10.70 -6.16 6.18
CA ASN B 256 -10.58 -6.44 4.74
C ASN B 256 -10.77 -7.91 4.40
N VAL B 257 -11.52 -8.19 3.34
CA VAL B 257 -11.73 -9.56 2.91
C VAL B 257 -10.49 -9.96 2.13
N LEU B 258 -9.91 -11.09 2.49
CA LEU B 258 -8.72 -11.55 1.82
C LEU B 258 -9.01 -11.88 0.37
N HIS B 259 -7.94 -11.91 -0.42
CA HIS B 259 -8.00 -12.20 -1.84
C HIS B 259 -8.21 -13.69 -2.08
N GLY B 260 -9.30 -14.04 -2.77
CA GLY B 260 -9.55 -15.44 -3.06
C GLY B 260 -10.86 -16.02 -2.53
N TYR B 261 -11.53 -15.26 -1.68
CA TYR B 261 -12.79 -15.72 -1.08
C TYR B 261 -14.04 -15.18 -1.77
N PRO B 262 -15.17 -15.88 -1.61
CA PRO B 262 -15.35 -17.12 -0.86
C PRO B 262 -14.53 -18.31 -1.33
N LYS B 263 -14.43 -19.33 -0.49
CA LYS B 263 -13.70 -20.55 -0.82
C LYS B 263 -14.46 -21.71 -0.23
N ASP B 264 -14.58 -22.79 -1.00
CA ASP B 264 -15.33 -23.96 -0.55
C ASP B 264 -14.71 -24.64 0.66
N ILE B 265 -15.57 -25.12 1.54
CA ILE B 265 -15.17 -25.77 2.77
C ILE B 265 -14.61 -27.17 2.58
N TYR B 266 -15.02 -27.83 1.51
CA TYR B 266 -14.56 -29.18 1.23
C TYR B 266 -13.10 -29.26 0.82
N SER B 267 -12.69 -28.36 -0.06
CA SER B 267 -11.31 -28.33 -0.53
C SER B 267 -10.38 -27.75 0.52
N SER B 268 -10.89 -26.76 1.25
CA SER B 268 -10.13 -26.08 2.29
C SER B 268 -9.98 -26.83 3.62
N PHE B 269 -11.05 -27.49 4.05
CA PHE B 269 -11.05 -28.23 5.32
C PHE B 269 -11.13 -29.75 5.20
N GLY B 270 -11.92 -30.26 4.27
CA GLY B 270 -12.02 -31.69 4.09
C GLY B 270 -13.25 -32.37 4.64
N PHE B 271 -14.39 -31.68 4.60
CA PHE B 271 -15.66 -32.23 5.08
C PHE B 271 -16.22 -33.15 3.99
N PRO B 272 -17.09 -34.10 4.35
CA PRO B 272 -17.65 -34.97 3.32
C PRO B 272 -18.70 -34.10 2.66
N ARG B 273 -19.11 -34.44 1.44
CA ARG B 273 -20.09 -33.62 0.78
C ARG B 273 -21.45 -33.79 1.42
N THR B 274 -21.53 -34.69 2.41
CA THR B 274 -22.78 -34.89 3.10
C THR B 274 -23.00 -33.66 3.98
N VAL B 275 -21.93 -32.92 4.26
CA VAL B 275 -22.02 -31.71 5.06
C VAL B 275 -22.34 -30.58 4.11
N LYS B 276 -23.56 -30.07 4.17
CA LYS B 276 -23.96 -28.99 3.28
C LYS B 276 -23.67 -27.63 3.89
N HIS B 277 -23.33 -27.62 5.18
CA HIS B 277 -23.01 -26.38 5.89
C HIS B 277 -22.54 -26.61 7.33
N ILE B 278 -21.95 -25.56 7.92
CA ILE B 278 -21.46 -25.59 9.29
C ILE B 278 -22.42 -24.82 10.19
N ASP B 279 -22.78 -25.38 11.34
CA ASP B 279 -23.71 -24.73 12.27
C ASP B 279 -23.01 -23.79 13.25
N ALA B 280 -21.81 -24.18 13.70
CA ALA B 280 -21.06 -23.37 14.66
C ALA B 280 -19.59 -23.72 14.58
N ALA B 281 -18.76 -22.88 15.18
CA ALA B 281 -17.32 -23.08 15.19
C ALA B 281 -16.57 -22.22 16.19
N LEU B 282 -15.48 -22.76 16.72
CA LEU B 282 -14.64 -22.05 17.67
C LEU B 282 -13.32 -22.79 17.60
N SER B 283 -12.22 -22.10 17.88
CA SER B 283 -10.90 -22.73 17.84
C SER B 283 -10.21 -22.61 19.20
N GLU B 284 -9.50 -23.67 19.59
CA GLU B 284 -8.79 -23.71 20.86
C GLU B 284 -7.96 -22.46 21.09
N GLU B 285 -7.87 -22.09 22.35
CA GLU B 285 -7.13 -20.92 22.77
C GLU B 285 -5.82 -20.80 22.02
N ASN B 286 -5.00 -21.83 22.09
CA ASN B 286 -3.71 -21.78 21.45
C ASN B 286 -3.26 -23.12 20.90
N THR B 287 -4.00 -24.18 21.20
CA THR B 287 -3.64 -25.50 20.70
C THR B 287 -3.93 -25.70 19.21
N GLY B 288 -4.48 -24.68 18.57
CA GLY B 288 -4.75 -24.76 17.14
C GLY B 288 -5.77 -25.81 16.71
N LYS B 289 -6.79 -26.01 17.52
CA LYS B 289 -7.82 -26.98 17.24
C LYS B 289 -9.17 -26.30 16.98
N THR B 290 -9.64 -26.32 15.74
CA THR B 290 -10.92 -25.71 15.43
C THR B 290 -12.00 -26.78 15.41
N TYR B 291 -13.09 -26.51 16.12
CA TYR B 291 -14.24 -27.41 16.20
C TYR B 291 -15.37 -26.89 15.33
N PHE B 292 -15.88 -27.73 14.45
CA PHE B 292 -16.97 -27.38 13.54
C PHE B 292 -18.16 -28.25 13.90
N PHE B 293 -19.29 -27.65 14.20
CA PHE B 293 -20.45 -28.46 14.54
C PHE B 293 -21.46 -28.57 13.40
N VAL B 294 -21.76 -29.80 12.99
CA VAL B 294 -22.72 -30.04 11.93
C VAL B 294 -23.84 -30.92 12.46
N ALA B 295 -24.97 -30.31 12.81
CA ALA B 295 -26.12 -31.02 13.34
C ALA B 295 -25.73 -31.62 14.68
N ASN B 296 -25.77 -32.94 14.80
CA ASN B 296 -25.45 -33.60 16.07
C ASN B 296 -24.05 -34.15 16.17
N LYS B 297 -23.25 -33.97 15.11
CA LYS B 297 -21.87 -34.43 15.10
C LYS B 297 -20.97 -33.19 15.02
N TYR B 298 -19.68 -33.39 15.20
CA TYR B 298 -18.75 -32.28 15.15
C TYR B 298 -17.45 -32.83 14.60
N TRP B 299 -16.56 -31.96 14.15
CA TRP B 299 -15.30 -32.41 13.58
C TRP B 299 -14.20 -31.54 14.12
N ARG B 300 -13.00 -32.07 14.26
CA ARG B 300 -11.93 -31.25 14.79
C ARG B 300 -10.83 -31.08 13.76
N TYR B 301 -10.52 -29.82 13.46
CA TYR B 301 -9.51 -29.47 12.47
C TYR B 301 -8.24 -28.95 13.13
N ASP B 302 -7.09 -29.40 12.64
CA ASP B 302 -5.83 -28.92 13.19
C ASP B 302 -5.33 -27.82 12.26
N GLU B 303 -5.54 -26.58 12.71
CA GLU B 303 -5.16 -25.38 11.97
C GLU B 303 -3.73 -25.33 11.45
N TYR B 304 -2.79 -25.87 12.22
CA TYR B 304 -1.37 -25.89 11.88
C TYR B 304 -1.04 -26.95 10.82
N LYS B 305 -1.56 -28.16 11.01
CA LYS B 305 -1.35 -29.25 10.06
C LYS B 305 -2.25 -29.04 8.84
N ARG B 306 -3.12 -28.06 8.93
CA ARG B 306 -4.06 -27.72 7.85
C ARG B 306 -4.78 -28.94 7.33
N SER B 307 -5.32 -29.74 8.25
CA SER B 307 -6.06 -30.94 7.89
C SER B 307 -6.84 -31.43 9.08
N MET B 308 -7.93 -32.12 8.81
CA MET B 308 -8.76 -32.68 9.87
C MET B 308 -7.98 -33.68 10.73
N ASP B 309 -8.55 -34.03 11.88
CA ASP B 309 -7.93 -34.96 12.81
C ASP B 309 -8.51 -36.36 12.67
N PRO B 310 -7.71 -37.39 13.01
CA PRO B 310 -8.09 -38.81 12.94
C PRO B 310 -9.54 -39.10 13.32
N GLY B 311 -10.20 -39.79 12.40
CA GLY B 311 -11.60 -40.19 12.56
C GLY B 311 -12.42 -39.28 13.45
N TYR B 312 -12.76 -38.10 12.95
CA TYR B 312 -13.51 -37.18 13.80
C TYR B 312 -15.00 -37.02 13.67
N PRO B 313 -15.64 -37.57 12.63
CA PRO B 313 -17.10 -37.35 12.65
C PRO B 313 -17.62 -37.98 13.96
N LYS B 314 -17.52 -37.25 15.06
CA LYS B 314 -17.96 -37.72 16.38
C LYS B 314 -19.25 -37.05 16.76
N MET B 315 -20.05 -37.72 17.56
CA MET B 315 -21.32 -37.16 18.00
C MET B 315 -21.04 -36.11 19.08
N ILE B 316 -21.84 -35.06 19.10
CA ILE B 316 -21.65 -34.01 20.08
C ILE B 316 -22.05 -34.53 21.45
N ALA B 317 -23.20 -35.22 21.52
CA ALA B 317 -23.76 -35.77 22.75
C ALA B 317 -22.83 -36.71 23.54
N HIS B 318 -21.58 -36.83 23.09
CA HIS B 318 -20.60 -37.69 23.74
C HIS B 318 -19.48 -36.92 24.40
N ASP B 319 -18.68 -36.22 23.59
CA ASP B 319 -17.55 -35.43 24.09
C ASP B 319 -17.98 -34.08 24.70
N PHE B 320 -19.27 -33.77 24.58
CA PHE B 320 -19.87 -32.55 25.14
C PHE B 320 -21.24 -32.99 25.67
N PRO B 321 -21.28 -33.60 26.86
CA PRO B 321 -22.57 -34.05 27.39
C PRO B 321 -23.39 -32.86 27.86
N GLY B 322 -24.71 -33.00 27.80
CA GLY B 322 -25.59 -31.93 28.22
C GLY B 322 -25.97 -30.99 27.09
N ILE B 323 -25.02 -30.14 26.69
CA ILE B 323 -25.22 -29.15 25.63
C ILE B 323 -26.44 -29.38 24.73
N GLY B 324 -26.60 -30.60 24.23
CA GLY B 324 -27.77 -30.84 23.40
C GLY B 324 -27.55 -31.58 22.10
N HIS B 325 -28.50 -31.38 21.19
CA HIS B 325 -28.54 -32.03 19.89
C HIS B 325 -28.20 -31.07 18.74
N LYS B 326 -28.26 -29.78 19.01
CA LYS B 326 -28.02 -28.77 17.99
C LYS B 326 -27.29 -27.55 18.59
N VAL B 327 -26.37 -26.97 17.81
CA VAL B 327 -25.63 -25.80 18.25
C VAL B 327 -25.88 -24.67 17.27
N ASP B 328 -26.35 -23.53 17.76
CA ASP B 328 -26.59 -22.37 16.91
C ASP B 328 -25.29 -21.56 16.77
N ALA B 329 -24.70 -21.21 17.90
CA ALA B 329 -23.46 -20.44 17.94
C ALA B 329 -22.55 -21.03 19.01
N VAL B 330 -21.27 -20.65 18.97
CA VAL B 330 -20.30 -21.13 19.95
C VAL B 330 -19.04 -20.30 19.95
N PHE B 331 -18.48 -20.07 21.13
CA PHE B 331 -17.25 -19.32 21.22
C PHE B 331 -16.54 -19.57 22.53
N MET B 332 -15.22 -19.45 22.49
CA MET B 332 -14.41 -19.67 23.67
C MET B 332 -13.84 -18.36 24.22
N LYS B 333 -13.99 -18.20 25.52
CA LYS B 333 -13.55 -17.01 26.24
C LYS B 333 -13.22 -17.45 27.69
N ASP B 334 -12.00 -17.15 28.15
CA ASP B 334 -11.57 -17.52 29.51
C ASP B 334 -11.56 -19.05 29.69
N GLY B 335 -10.87 -19.74 28.80
CA GLY B 335 -10.79 -21.18 28.85
C GLY B 335 -12.13 -21.88 28.82
N PHE B 336 -13.22 -21.11 28.80
CA PHE B 336 -14.57 -21.65 28.77
C PHE B 336 -15.25 -21.69 27.39
N PHE B 337 -16.01 -22.75 27.14
CA PHE B 337 -16.74 -22.90 25.89
C PHE B 337 -18.18 -22.46 26.12
N TYR B 338 -18.64 -21.41 25.45
CA TYR B 338 -20.03 -21.01 25.68
C TYR B 338 -20.89 -21.41 24.48
N PHE B 339 -21.68 -22.47 24.67
CA PHE B 339 -22.54 -23.02 23.63
C PHE B 339 -23.87 -22.29 23.58
N PHE B 340 -24.35 -22.02 22.38
CA PHE B 340 -25.62 -21.36 22.25
C PHE B 340 -26.56 -22.18 21.40
N HIS B 341 -27.77 -22.36 21.91
CA HIS B 341 -28.80 -23.07 21.16
C HIS B 341 -30.13 -22.45 21.55
N GLY B 342 -30.90 -22.01 20.57
CA GLY B 342 -32.17 -21.38 20.88
C GLY B 342 -31.86 -20.21 21.80
N THR B 343 -32.67 -20.03 22.84
CA THR B 343 -32.43 -18.93 23.76
C THR B 343 -31.46 -19.27 24.90
N ARG B 344 -30.92 -20.49 24.90
CA ARG B 344 -30.02 -20.85 25.99
C ARG B 344 -28.53 -20.94 25.66
N GLN B 345 -27.74 -20.49 26.62
CA GLN B 345 -26.29 -20.47 26.55
C GLN B 345 -25.76 -21.42 27.64
N TYR B 346 -24.78 -22.25 27.30
CA TYR B 346 -24.18 -23.17 28.28
C TYR B 346 -22.71 -22.82 28.48
N LYS B 347 -22.30 -22.72 29.74
CA LYS B 347 -20.91 -22.43 30.06
C LYS B 347 -20.19 -23.75 30.26
N PHE B 348 -19.87 -24.40 29.16
CA PHE B 348 -19.21 -25.69 29.20
C PHE B 348 -17.75 -25.54 29.63
N ASP B 349 -17.30 -26.48 30.45
CA ASP B 349 -15.93 -26.47 30.94
C ASP B 349 -15.18 -27.62 30.26
N PRO B 350 -14.23 -27.29 29.36
CA PRO B 350 -13.45 -28.29 28.63
C PRO B 350 -12.56 -29.14 29.54
N LYS B 351 -11.96 -28.45 30.50
CA LYS B 351 -11.08 -29.07 31.48
C LYS B 351 -11.71 -30.30 32.12
N THR B 352 -12.96 -30.17 32.57
CA THR B 352 -13.67 -31.27 33.23
C THR B 352 -14.99 -31.65 32.57
N LYS B 353 -15.12 -31.32 31.29
CA LYS B 353 -16.32 -31.61 30.49
C LYS B 353 -17.62 -31.59 31.28
N ARG B 354 -17.95 -30.43 31.84
CA ARG B 354 -19.16 -30.29 32.63
C ARG B 354 -19.83 -28.95 32.39
N ILE B 355 -21.16 -28.95 32.32
CA ILE B 355 -21.93 -27.73 32.11
C ILE B 355 -22.04 -26.99 33.42
N LEU B 356 -21.23 -25.97 33.60
CA LEU B 356 -21.25 -25.20 34.86
C LEU B 356 -22.50 -24.37 35.10
N THR B 357 -22.89 -23.54 34.14
CA THR B 357 -24.04 -22.64 34.33
C THR B 357 -24.97 -22.42 33.12
N LEU B 358 -26.23 -22.83 33.23
CA LEU B 358 -27.19 -22.62 32.14
C LEU B 358 -27.61 -21.16 32.24
N GLN B 359 -27.76 -20.49 31.11
CA GLN B 359 -28.10 -19.08 31.14
C GLN B 359 -28.83 -18.53 29.92
N LYS B 360 -29.33 -17.30 30.03
CA LYS B 360 -30.05 -16.67 28.93
C LYS B 360 -29.11 -16.33 27.80
N ALA B 361 -29.57 -16.50 26.57
CA ALA B 361 -28.75 -16.24 25.40
C ALA B 361 -28.27 -14.80 25.37
N ASN B 362 -29.13 -13.89 25.82
CA ASN B 362 -28.78 -12.49 25.82
C ASN B 362 -28.18 -12.04 27.16
N SER B 363 -27.71 -13.00 27.94
CA SER B 363 -27.11 -12.70 29.24
C SER B 363 -25.89 -11.79 29.10
N TRP B 364 -24.97 -12.15 28.23
CA TRP B 364 -23.77 -11.36 28.03
C TRP B 364 -24.02 -9.86 27.87
N PHE B 365 -25.28 -9.44 27.79
CA PHE B 365 -25.59 -8.02 27.62
C PHE B 365 -26.05 -7.34 28.93
N ASN B 366 -26.35 -6.05 28.84
CA ASN B 366 -26.78 -5.27 30.00
C ASN B 366 -28.30 -5.13 30.07
N CYS B 367 -28.99 -6.10 30.68
CA CYS B 367 -30.46 -6.08 30.75
C CYS B 367 -31.13 -6.05 32.14
N GLY C 1 30.43 20.88 -62.89
CA GLY C 1 29.10 20.84 -63.58
C GLY C 1 28.24 19.68 -63.13
N PRO C 2 28.81 18.46 -63.06
CA PRO C 2 28.10 17.23 -62.63
C PRO C 2 28.01 17.00 -61.10
N HYP C 3 26.80 16.69 -60.60
CA HYP C 3 26.53 16.44 -59.17
C HYP C 3 27.25 15.20 -58.63
O HYP C 3 27.03 14.07 -59.10
CB HYP C 3 25.01 16.26 -59.12
CG HYP C 3 24.53 17.15 -60.26
CD HYP C 3 25.53 16.80 -61.35
OD1 HYP C 3 24.68 18.51 -59.89
N GLY C 4 28.12 15.41 -57.63
CA GLY C 4 28.87 14.30 -57.03
C GLY C 4 27.99 13.20 -56.48
N PRO C 5 28.57 12.03 -56.14
CA PRO C 5 27.89 10.85 -55.59
C PRO C 5 27.33 10.96 -54.17
N HYP C 6 26.62 9.92 -53.70
CA HYP C 6 26.05 9.93 -52.33
C HYP C 6 27.11 9.85 -51.23
O HYP C 6 28.16 9.22 -51.41
CB HYP C 6 25.14 8.69 -52.32
CG HYP C 6 24.70 8.57 -53.77
CD HYP C 6 26.01 8.85 -54.50
OD1 HYP C 6 23.74 9.57 -54.04
N GLY C 7 26.84 10.48 -50.09
CA GLY C 7 27.78 10.42 -48.99
C GLY C 7 27.68 9.05 -48.33
N PRO C 8 28.62 8.71 -47.43
CA PRO C 8 28.66 7.42 -46.72
C PRO C 8 27.37 7.18 -45.92
N HYP C 9 27.21 5.98 -45.30
CA HYP C 9 26.00 5.67 -44.53
C HYP C 9 25.55 6.69 -43.48
O HYP C 9 25.15 7.80 -43.80
CB HYP C 9 26.33 4.33 -43.92
CG HYP C 9 27.05 3.66 -45.06
CD HYP C 9 28.03 4.77 -45.46
OD1 HYP C 9 26.11 3.43 -46.09
N GLY C 10 25.60 6.27 -42.24
CA GLY C 10 25.20 7.14 -41.16
C GLY C 10 25.79 6.53 -39.93
N PRO C 11 25.97 7.30 -38.85
CA PRO C 11 26.53 6.68 -37.67
C PRO C 11 25.45 5.72 -37.17
N GLN C 12 25.86 4.60 -36.59
CA GLN C 12 24.89 3.63 -36.09
C GLN C 12 24.13 4.26 -34.91
N GLY C 13 22.81 4.16 -34.93
CA GLY C 13 22.07 4.74 -33.84
C GLY C 13 22.70 4.29 -32.54
N LEU C 14 22.54 5.11 -31.50
CA LEU C 14 23.07 4.80 -30.19
C LEU C 14 22.37 3.58 -29.62
N ALA C 15 23.07 2.85 -28.76
CA ALA C 15 22.51 1.66 -28.14
C ALA C 15 21.30 2.04 -27.27
N GLY C 16 20.50 1.04 -26.90
CA GLY C 16 19.34 1.28 -26.08
C GLY C 16 19.74 1.44 -24.64
N GLN C 17 18.94 2.18 -23.89
CA GLN C 17 19.18 2.42 -22.46
C GLN C 17 19.04 1.04 -21.82
N ARG C 18 19.65 0.82 -20.66
CA ARG C 18 19.56 -0.49 -20.02
C ARG C 18 18.21 -0.81 -19.34
N GLY C 19 18.06 -2.06 -18.90
CA GLY C 19 16.85 -2.47 -18.22
C GLY C 19 16.64 -1.81 -16.87
N ILE C 20 15.65 -2.32 -16.13
CA ILE C 20 15.30 -1.80 -14.81
C ILE C 20 15.39 -2.90 -13.75
N VAL C 21 15.95 -2.57 -12.59
CA VAL C 21 16.11 -3.54 -11.50
C VAL C 21 14.87 -4.44 -11.42
N GLY C 22 15.07 -5.67 -10.95
CA GLY C 22 13.98 -6.60 -10.82
C GLY C 22 13.24 -6.46 -9.50
N LEU C 23 11.96 -6.82 -9.52
CA LEU C 23 11.15 -6.74 -8.33
C LEU C 23 11.81 -7.71 -7.33
N HYP C 24 11.68 -7.44 -6.02
CA HYP C 24 12.32 -8.41 -5.15
C HYP C 24 11.40 -9.60 -5.06
O HYP C 24 10.19 -9.43 -5.06
CB HYP C 24 12.46 -7.67 -3.83
CG HYP C 24 12.54 -6.22 -4.25
CD HYP C 24 11.46 -6.16 -5.31
OD1 HYP C 24 13.83 -5.96 -4.84
N GLY C 25 11.95 -10.81 -5.00
CA GLY C 25 11.11 -11.99 -4.92
C GLY C 25 10.12 -12.06 -3.75
N GLN C 26 9.21 -13.02 -3.84
CA GLN C 26 8.19 -13.22 -2.82
C GLN C 26 8.75 -13.90 -1.56
N ARG C 27 8.16 -13.58 -0.41
CA ARG C 27 8.59 -14.17 0.85
C ARG C 27 8.55 -15.70 0.84
N GLY C 28 9.37 -16.31 1.67
CA GLY C 28 9.42 -17.76 1.75
C GLY C 28 8.34 -18.42 2.59
N GLU C 29 8.33 -19.75 2.55
CA GLU C 29 7.36 -20.54 3.27
C GLU C 29 7.54 -20.35 4.77
N ARG C 30 6.55 -20.78 5.56
CA ARG C 30 6.66 -20.66 7.00
C ARG C 30 7.52 -21.84 7.42
N GLY C 31 8.22 -21.72 8.54
CA GLY C 31 9.08 -22.80 9.01
C GLY C 31 8.33 -24.02 9.51
N PRO C 32 9.04 -25.15 9.72
CA PRO C 32 8.41 -26.38 10.20
C PRO C 32 7.92 -26.17 11.61
N HYP C 33 7.10 -27.09 12.14
CA HYP C 33 6.60 -26.91 13.51
C HYP C 33 7.76 -26.82 14.50
O HYP C 33 8.94 -26.79 14.11
CB HYP C 33 5.76 -28.16 13.72
CG HYP C 33 5.19 -28.41 12.34
CD HYP C 33 6.42 -28.21 11.46
OD1 HYP C 33 4.22 -27.42 12.04
N GLY C 34 7.43 -26.75 15.79
CA GLY C 34 8.45 -26.67 16.81
C GLY C 34 8.45 -27.90 17.68
N PRO C 35 9.59 -28.25 18.30
CA PRO C 35 9.66 -29.44 19.17
C PRO C 35 8.55 -29.43 20.23
N HYP C 36 8.16 -30.62 20.72
CA HYP C 36 7.10 -30.77 21.74
C HYP C 36 7.31 -29.98 23.05
O HYP C 36 8.42 -29.93 23.58
CB HYP C 36 7.05 -32.28 21.98
CG HYP C 36 7.47 -32.85 20.62
CD HYP C 36 8.63 -31.94 20.26
OD1 HYP C 36 6.41 -32.69 19.67
N GLY C 37 6.24 -29.37 23.54
CA GLY C 37 6.31 -28.62 24.78
C GLY C 37 6.23 -29.58 25.97
N PRO C 38 5.39 -29.29 26.98
CA PRO C 38 5.29 -30.19 28.14
C PRO C 38 4.64 -31.55 27.82
N HYP C 39 4.87 -32.56 28.67
CA HYP C 39 4.31 -33.92 28.47
C HYP C 39 2.79 -33.99 28.58
O HYP C 39 2.23 -35.02 28.96
CB HYP C 39 5.01 -34.74 29.56
CG HYP C 39 6.32 -34.01 29.77
CD HYP C 39 5.85 -32.55 29.76
OD1 HYP C 39 7.20 -34.24 28.68
N GLY D 1 32.49 20.90 -59.84
CA GLY D 1 31.45 19.83 -59.69
C GLY D 1 30.52 20.08 -58.53
N PRO D 2 29.19 19.99 -58.75
CA PRO D 2 28.15 20.21 -57.74
C PRO D 2 28.11 19.16 -56.62
N HYP D 3 28.02 19.61 -55.35
CA HYP D 3 27.96 18.75 -54.16
C HYP D 3 26.90 17.65 -54.23
O HYP D 3 25.74 17.90 -54.59
CB HYP D 3 27.71 19.74 -53.02
CG HYP D 3 28.48 20.97 -53.49
CD HYP D 3 28.08 21.03 -54.96
OD1 HYP D 3 29.88 20.72 -53.38
N GLY D 4 27.30 16.44 -53.88
CA GLY D 4 26.37 15.33 -53.91
C GLY D 4 25.28 15.35 -52.85
N PRO D 5 24.54 14.24 -52.74
CA PRO D 5 23.45 14.06 -51.77
C PRO D 5 23.95 13.40 -50.49
N HYP D 6 23.04 13.23 -49.51
CA HYP D 6 23.34 12.61 -48.22
C HYP D 6 23.28 11.09 -48.32
O HYP D 6 22.52 10.53 -49.12
CB HYP D 6 22.25 13.15 -47.29
CG HYP D 6 21.78 14.41 -48.02
CD HYP D 6 21.74 13.93 -49.45
OD1 HYP D 6 22.76 15.42 -47.89
N GLY D 7 24.09 10.41 -47.51
CA GLY D 7 24.09 8.97 -47.50
C GLY D 7 22.85 8.50 -46.76
N PRO D 8 22.64 7.18 -46.68
CA PRO D 8 21.49 6.59 -46.00
C PRO D 8 21.59 6.80 -44.49
N HYP D 9 20.87 5.98 -43.72
CA HYP D 9 20.95 6.13 -42.25
C HYP D 9 21.93 5.08 -41.70
O HYP D 9 22.15 4.04 -42.31
CB HYP D 9 19.51 5.87 -41.79
CG HYP D 9 18.67 6.12 -43.03
CD HYP D 9 19.54 5.48 -44.10
OD1 HYP D 9 18.57 7.53 -43.26
N GLY D 10 22.54 5.39 -40.55
CA GLY D 10 23.45 4.42 -39.96
C GLY D 10 22.63 3.22 -39.58
N PRO D 11 23.23 2.03 -39.48
CA PRO D 11 22.47 0.83 -39.12
C PRO D 11 21.74 0.98 -37.78
N GLN D 12 20.78 0.10 -37.54
CA GLN D 12 20.00 0.11 -36.30
C GLN D 12 20.90 0.26 -35.10
N GLY D 13 20.34 0.72 -33.99
CA GLY D 13 21.10 0.86 -32.77
C GLY D 13 20.96 -0.43 -31.98
N LEU D 14 21.98 -0.80 -31.23
CA LEU D 14 21.93 -2.02 -30.43
C LEU D 14 20.77 -2.06 -29.45
N ALA D 15 20.30 -3.26 -29.14
CA ALA D 15 19.22 -3.39 -28.18
C ALA D 15 19.82 -3.01 -26.82
N GLY D 16 18.99 -2.54 -25.90
CA GLY D 16 19.50 -2.19 -24.60
C GLY D 16 19.76 -3.43 -23.76
N GLN D 17 20.76 -3.40 -22.90
CA GLN D 17 21.09 -4.55 -22.04
C GLN D 17 20.04 -4.84 -20.96
N ARG D 18 19.86 -6.12 -20.62
CA ARG D 18 18.87 -6.52 -19.62
C ARG D 18 19.09 -5.82 -18.28
N GLY D 19 18.22 -6.10 -17.32
CA GLY D 19 18.32 -5.45 -16.03
C GLY D 19 18.90 -6.30 -14.91
N ILE D 20 19.14 -5.66 -13.77
CA ILE D 20 19.70 -6.32 -12.61
C ILE D 20 18.68 -7.23 -11.92
N VAL D 21 19.08 -8.46 -11.62
CA VAL D 21 18.21 -9.44 -10.95
C VAL D 21 17.72 -8.88 -9.63
N GLY D 22 16.42 -8.97 -9.39
CA GLY D 22 15.87 -8.45 -8.14
C GLY D 22 16.43 -9.09 -6.89
N LEU D 23 16.29 -8.40 -5.76
CA LEU D 23 16.77 -8.93 -4.49
C LEU D 23 15.90 -10.08 -4.02
N HYP D 24 16.47 -11.04 -3.28
CA HYP D 24 15.71 -12.18 -2.77
C HYP D 24 14.53 -11.72 -1.89
O HYP D 24 14.57 -10.64 -1.28
CB HYP D 24 16.74 -12.95 -1.94
CG HYP D 24 18.06 -12.63 -2.63
CD HYP D 24 17.90 -11.15 -2.94
OD1 HYP D 24 18.14 -13.39 -3.83
N GLY D 25 13.49 -12.56 -1.81
CA GLY D 25 12.34 -12.22 -1.00
C GLY D 25 12.62 -12.36 0.49
N GLN D 26 11.70 -11.87 1.30
CA GLN D 26 11.86 -11.95 2.74
C GLN D 26 11.66 -13.37 3.31
N ARG D 27 12.49 -13.73 4.27
CA ARG D 27 12.41 -15.03 4.89
C ARG D 27 11.04 -15.24 5.54
N GLY D 28 10.53 -16.47 5.43
CA GLY D 28 9.22 -16.77 5.98
C GLY D 28 9.17 -16.72 7.50
N GLU D 29 8.01 -16.42 8.05
CA GLU D 29 7.87 -16.35 9.50
C GLU D 29 8.21 -17.73 10.04
N ARG D 30 8.38 -17.84 11.35
CA ARG D 30 8.73 -19.13 11.93
C ARG D 30 7.53 -20.07 11.99
N GLY D 31 7.83 -21.37 11.90
CA GLY D 31 6.80 -22.37 11.94
C GLY D 31 5.89 -22.23 13.15
N PRO D 32 4.84 -23.04 13.23
CA PRO D 32 3.88 -23.02 14.35
C PRO D 32 4.49 -23.60 15.62
N HYP D 33 3.72 -23.61 16.72
CA HYP D 33 4.25 -24.17 17.97
C HYP D 33 4.45 -25.68 17.94
O HYP D 33 4.26 -26.33 16.91
CB HYP D 33 3.19 -23.75 18.98
CG HYP D 33 2.70 -22.42 18.43
CD HYP D 33 2.52 -22.79 16.96
OD1 HYP D 33 3.73 -21.44 18.56
N GLY D 34 4.85 -26.23 19.08
CA GLY D 34 5.08 -27.66 19.18
C GLY D 34 4.00 -28.39 19.94
N PRO D 35 3.69 -29.64 19.56
CA PRO D 35 2.67 -30.47 20.20
C PRO D 35 3.07 -31.00 21.58
N HYP D 36 2.55 -30.38 22.66
CA HYP D 36 2.85 -30.80 24.04
C HYP D 36 2.71 -32.30 24.27
O HYP D 36 3.70 -33.03 24.27
CB HYP D 36 1.86 -29.99 24.86
CG HYP D 36 1.74 -28.70 24.07
CD HYP D 36 1.62 -29.24 22.65
OD1 HYP D 36 2.93 -27.92 24.20
N GLY E 1 31.24 16.07 -58.64
CA GLY E 1 31.07 16.81 -57.36
C GLY E 1 31.43 15.99 -56.13
N PRO E 2 31.38 16.59 -54.93
CA PRO E 2 31.69 15.98 -53.63
C PRO E 2 31.19 14.55 -53.38
N HYP E 3 32.12 13.56 -53.35
CA HYP E 3 31.80 12.14 -53.14
C HYP E 3 31.02 11.91 -51.86
O HYP E 3 30.25 12.77 -51.43
CB HYP E 3 33.17 11.48 -53.12
CG HYP E 3 33.97 12.31 -54.09
CD HYP E 3 33.54 13.72 -53.70
OD1 HYP E 3 33.57 12.03 -55.43
N GLY E 4 30.21 14.91 -50.02
CA GLY E 4 28.84 14.48 -49.85
C GLY E 4 28.46 14.24 -48.40
N PRO E 5 27.33 14.83 -47.95
CA PRO E 5 26.85 14.68 -46.57
C PRO E 5 26.91 13.24 -46.08
N HYP E 6 27.66 12.99 -45.00
CA HYP E 6 27.81 11.65 -44.42
C HYP E 6 26.50 10.90 -44.11
O HYP E 6 26.52 9.67 -43.97
CB HYP E 6 28.64 11.91 -43.18
CG HYP E 6 29.62 12.96 -43.67
CD HYP E 6 28.68 13.90 -44.44
OD1 HYP E 6 30.54 12.36 -44.58
N GLY E 7 25.38 11.59 -44.00
CA GLY E 7 24.12 10.90 -43.74
C GLY E 7 23.68 10.97 -42.29
N PRO E 8 22.38 10.85 -42.05
CA PRO E 8 21.80 10.90 -40.69
C PRO E 8 22.16 9.70 -39.82
N HYP E 9 21.95 9.83 -38.51
CA HYP E 9 22.25 8.78 -37.52
C HYP E 9 21.20 7.68 -37.55
O HYP E 9 20.01 7.95 -37.73
CB HYP E 9 22.23 9.51 -36.18
CG HYP E 9 22.54 10.95 -36.55
CD HYP E 9 21.74 11.12 -37.83
OD1 HYP E 9 23.94 11.11 -36.81
N GLY E 10 21.63 6.43 -37.37
CA GLY E 10 20.70 5.34 -37.35
C GLY E 10 19.79 5.55 -36.16
N PRO E 11 18.68 4.83 -36.08
CA PRO E 11 17.78 5.02 -34.93
C PRO E 11 18.35 4.42 -33.65
N GLN E 12 17.90 4.94 -32.52
CA GLN E 12 18.34 4.46 -31.22
C GLN E 12 17.80 3.05 -30.96
N GLY E 13 18.51 2.30 -30.13
CA GLY E 13 18.06 0.94 -29.84
C GLY E 13 16.96 0.86 -28.81
N LEU E 14 16.25 -0.26 -28.82
CA LEU E 14 15.17 -0.50 -27.87
C LEU E 14 15.72 -0.51 -26.46
N ALA E 15 14.84 -0.41 -25.47
CA ALA E 15 15.30 -0.44 -24.08
C ALA E 15 15.30 -1.91 -23.69
N GLY E 16 16.21 -2.29 -22.81
CA GLY E 16 16.32 -3.67 -22.39
C GLY E 16 15.23 -4.11 -21.42
N GLN E 17 14.86 -5.38 -21.49
CA GLN E 17 13.81 -5.91 -20.62
C GLN E 17 14.11 -5.63 -19.14
N ARG E 18 13.07 -5.66 -18.32
CA ARG E 18 13.23 -5.45 -16.89
C ARG E 18 14.20 -6.50 -16.39
N GLY E 19 14.55 -6.41 -15.12
CA GLY E 19 15.45 -7.38 -14.56
C GLY E 19 14.65 -8.57 -14.05
N ILE E 20 15.18 -9.77 -14.26
CA ILE E 20 14.47 -10.94 -13.80
C ILE E 20 14.12 -10.75 -12.33
N VAL E 21 13.01 -11.36 -11.89
CA VAL E 21 12.60 -11.27 -10.51
C VAL E 21 13.52 -12.15 -9.66
N GLY E 22 13.75 -11.74 -8.42
CA GLY E 22 14.62 -12.49 -7.52
C GLY E 22 13.99 -13.74 -6.94
N LEU E 23 14.80 -14.57 -6.27
CA LEU E 23 14.29 -15.81 -5.69
C LEU E 23 13.33 -15.67 -4.50
N HYP E 24 12.63 -16.76 -4.15
CA HYP E 24 11.68 -16.76 -3.03
C HYP E 24 12.38 -16.97 -1.69
O HYP E 24 12.86 -18.06 -1.40
CB HYP E 24 10.75 -17.91 -3.38
CG HYP E 24 10.91 -18.04 -4.89
CD HYP E 24 12.43 -17.94 -5.00
OD1 HYP E 24 10.35 -16.90 -5.52
N GLY E 25 12.42 -15.91 -0.88
CA GLY E 25 13.06 -15.97 0.42
C GLY E 25 13.26 -17.33 1.06
N GLN E 26 14.35 -17.48 1.80
CA GLN E 26 14.64 -18.73 2.48
C GLN E 26 13.46 -19.06 3.39
N ARG E 27 13.13 -20.34 3.49
CA ARG E 27 12.03 -20.79 4.35
C ARG E 27 12.19 -20.24 5.77
N GLY E 28 11.13 -20.28 6.57
CA GLY E 28 11.20 -19.78 7.93
C GLY E 28 11.91 -20.74 8.86
N GLU E 29 12.21 -20.30 10.08
CA GLU E 29 12.89 -21.15 11.06
C GLU E 29 11.84 -22.07 11.74
N ARG E 30 12.27 -23.21 12.27
CA ARG E 30 11.32 -24.11 12.94
C ARG E 30 10.75 -23.43 14.18
N GLY E 31 9.44 -23.29 14.22
CA GLY E 31 8.78 -22.65 15.34
C GLY E 31 9.27 -23.01 16.74
N PRO E 32 8.71 -22.37 17.78
CA PRO E 32 9.01 -22.55 19.20
C PRO E 32 8.59 -23.91 19.76
N HYP E 33 8.95 -24.21 21.02
CA HYP E 33 8.58 -25.50 21.62
C HYP E 33 7.08 -25.61 21.92
O HYP E 33 6.24 -25.46 21.03
CB HYP E 33 9.42 -25.56 22.89
CG HYP E 33 10.64 -24.69 22.54
CD HYP E 33 9.97 -23.52 21.83
OD1 HYP E 33 11.49 -25.41 21.64
N GLY F 1 -54.36 50.29 9.26
CA GLY F 1 -53.74 49.04 9.79
C GLY F 1 -52.73 48.41 8.82
N PRO F 2 -51.43 48.51 9.11
CA PRO F 2 -50.37 47.97 8.26
C PRO F 2 -50.25 46.44 8.35
N HYP F 3 -49.45 45.84 7.47
CA HYP F 3 -49.23 44.39 7.40
C HYP F 3 -48.80 43.73 8.72
O HYP F 3 -48.00 44.28 9.47
CB HYP F 3 -48.16 44.25 6.32
CG HYP F 3 -48.49 45.40 5.38
CD HYP F 3 -48.71 46.53 6.39
OD1 HYP F 3 -49.69 45.13 4.69
N GLY F 4 -49.33 42.53 8.96
CA GLY F 4 -48.99 41.80 10.18
C GLY F 4 -47.53 41.43 10.23
N PRO F 5 -46.98 41.18 11.43
CA PRO F 5 -45.58 40.81 11.63
C PRO F 5 -45.28 39.40 11.10
N HYP F 6 -43.99 39.11 10.83
CA HYP F 6 -43.61 37.79 10.32
C HYP F 6 -44.16 36.67 11.20
O HYP F 6 -44.26 36.82 12.41
CB HYP F 6 -42.10 37.85 10.31
CG HYP F 6 -41.85 39.29 9.93
CD HYP F 6 -42.83 40.02 10.85
OD1 HYP F 6 -42.24 39.47 8.58
N GLY F 7 -44.50 35.55 10.55
CA GLY F 7 -45.03 34.42 11.29
C GLY F 7 -43.95 33.64 12.03
N PRO F 8 -44.35 32.59 12.77
CA PRO F 8 -43.37 31.79 13.52
C PRO F 8 -42.29 31.21 12.59
N HYP F 9 -41.16 30.77 13.16
CA HYP F 9 -40.12 30.21 12.30
C HYP F 9 -40.67 28.91 11.74
O HYP F 9 -41.80 28.53 12.03
CB HYP F 9 -38.97 29.98 13.26
CG HYP F 9 -39.14 31.11 14.26
CD HYP F 9 -40.64 31.06 14.51
OD1 HYP F 9 -38.80 32.36 13.65
N GLY F 10 -39.87 28.22 10.94
CA GLY F 10 -40.34 26.98 10.36
C GLY F 10 -39.75 25.72 10.96
N PRO F 11 -40.34 24.56 10.68
CA PRO F 11 -39.82 23.29 11.21
C PRO F 11 -38.38 23.00 10.82
N GLN F 12 -37.65 22.35 11.72
CA GLN F 12 -36.25 22.02 11.51
C GLN F 12 -35.93 21.19 10.26
N GLY F 13 -34.77 21.45 9.67
CA GLY F 13 -34.35 20.73 8.49
C GLY F 13 -33.80 19.35 8.79
N LEU F 14 -33.47 18.60 7.73
CA LEU F 14 -32.94 17.23 7.86
C LEU F 14 -31.75 17.08 8.79
N ALA F 15 -31.65 15.93 9.43
CA ALA F 15 -30.52 15.66 10.31
C ALA F 15 -29.38 15.48 9.32
N GLY F 16 -28.15 15.57 9.79
CA GLY F 16 -27.04 15.40 8.89
C GLY F 16 -26.87 13.92 8.65
N GLN F 17 -26.42 13.56 7.45
CA GLN F 17 -26.19 12.16 7.12
C GLN F 17 -25.12 11.78 8.14
N ARG F 18 -25.11 10.53 8.62
CA ARG F 18 -24.14 10.09 9.65
C ARG F 18 -22.64 10.16 9.34
N GLY F 19 -21.83 9.79 10.33
CA GLY F 19 -20.38 9.81 10.12
C GLY F 19 -19.91 8.65 9.25
N ILE F 20 -18.62 8.37 9.33
CA ILE F 20 -17.98 7.30 8.58
C ILE F 20 -17.33 6.33 9.54
N VAL F 21 -17.33 5.06 9.20
CA VAL F 21 -16.73 4.05 10.07
C VAL F 21 -15.32 4.51 10.47
N GLY F 22 -14.87 4.06 11.62
CA GLY F 22 -13.55 4.45 12.09
C GLY F 22 -12.41 3.60 11.58
N LEU F 23 -11.25 4.23 11.45
CA LEU F 23 -10.08 3.50 11.00
C LEU F 23 -9.67 2.59 12.13
N HYP F 24 -9.18 1.39 11.81
CA HYP F 24 -8.76 0.41 12.81
C HYP F 24 -7.47 0.83 13.51
O HYP F 24 -6.60 1.43 12.90
CB HYP F 24 -8.62 -0.86 11.97
CG HYP F 24 -9.63 -0.61 10.85
CD HYP F 24 -9.24 0.80 10.46
OD1 HYP F 24 -11.00 -0.61 11.33
N GLY F 25 -7.36 0.52 14.80
CA GLY F 25 -6.18 0.93 15.56
C GLY F 25 -4.84 0.38 15.11
N GLN F 26 -3.77 0.95 15.65
CA GLN F 26 -2.42 0.52 15.31
C GLN F 26 -2.17 -0.83 15.98
N ARG F 27 -1.31 -1.65 15.38
CA ARG F 27 -0.98 -2.96 15.91
C ARG F 27 -0.50 -2.81 17.35
N GLY F 28 -0.45 -3.91 18.10
CA GLY F 28 -0.02 -3.85 19.49
C GLY F 28 1.46 -4.03 19.77
N GLU F 29 1.95 -3.31 20.78
CA GLU F 29 3.35 -3.37 21.17
C GLU F 29 3.81 -4.82 21.35
N ARG F 30 4.83 -5.23 20.60
CA ARG F 30 5.37 -6.60 20.65
C ARG F 30 5.40 -7.16 22.07
N GLY F 31 5.39 -8.49 22.18
CA GLY F 31 5.38 -9.14 23.48
C GLY F 31 6.66 -9.03 24.30
N PRO F 32 6.65 -9.53 25.55
CA PRO F 32 7.76 -9.52 26.50
C PRO F 32 8.82 -10.60 26.20
N HYP F 33 10.04 -10.45 26.75
CA HYP F 33 11.07 -11.46 26.50
C HYP F 33 10.61 -12.81 27.05
O HYP F 33 9.82 -12.88 27.99
CB HYP F 33 12.28 -10.92 27.26
CG HYP F 33 12.10 -9.41 27.18
CD HYP F 33 10.61 -9.27 27.45
OD1 HYP F 33 12.42 -8.96 25.88
N GLY F 34 11.09 -13.90 26.44
CA GLY F 34 10.71 -15.21 26.90
C GLY F 34 11.40 -15.54 28.20
N PRO F 35 11.27 -16.78 28.72
CA PRO F 35 11.90 -17.17 29.98
C PRO F 35 13.36 -17.64 29.83
N HYP F 36 14.17 -17.46 30.89
CA HYP F 36 15.58 -17.85 30.88
C HYP F 36 15.80 -19.31 30.50
O HYP F 36 15.29 -20.22 31.16
CB HYP F 36 16.02 -17.55 32.32
CG HYP F 36 15.15 -16.37 32.71
CD HYP F 36 13.81 -16.79 32.15
OD1 HYP F 36 15.59 -15.17 32.07
N GLY G 1 -55.35 45.05 9.71
CA GLY G 1 -55.37 43.56 9.92
C GLY G 1 -55.01 42.68 8.73
N PRO G 2 -53.88 42.94 8.03
CA PRO G 2 -53.45 42.13 6.87
C PRO G 2 -52.49 41.02 7.31
N HYP G 3 -52.84 39.77 7.01
CA HYP G 3 -51.94 38.67 7.40
C HYP G 3 -50.47 38.86 6.98
O HYP G 3 -50.18 39.16 5.82
CB HYP G 3 -52.60 37.47 6.75
CG HYP G 3 -54.08 37.78 6.94
CD HYP G 3 -54.13 39.24 6.52
OD1 HYP G 3 -54.42 37.66 8.32
N GLY G 4 -49.59 38.69 7.96
CA GLY G 4 -48.17 38.86 7.74
C GLY G 4 -47.48 37.85 6.82
N PRO G 5 -46.18 38.04 6.58
CA PRO G 5 -45.30 37.23 5.74
C PRO G 5 -45.03 35.82 6.24
N HYP G 6 -44.94 34.84 5.32
CA HYP G 6 -44.66 33.47 5.75
C HYP G 6 -43.33 33.39 6.49
O HYP G 6 -42.27 33.78 5.97
CB HYP G 6 -44.65 32.70 4.42
CG HYP G 6 -45.69 33.44 3.59
CD HYP G 6 -45.32 34.89 3.89
OD1 HYP G 6 -47.00 33.15 4.08
N GLY G 7 -43.39 32.91 7.73
CA GLY G 7 -42.21 32.80 8.59
C GLY G 7 -40.83 32.56 8.00
N PRO G 8 -39.78 32.72 8.82
CA PRO G 8 -38.39 32.53 8.42
C PRO G 8 -38.12 31.04 8.28
N HYP G 9 -37.01 30.66 7.64
CA HYP G 9 -36.68 29.25 7.47
C HYP G 9 -36.57 28.55 8.83
O HYP G 9 -36.30 29.20 9.85
CB HYP G 9 -35.33 29.29 6.75
CG HYP G 9 -35.43 30.55 5.91
CD HYP G 9 -36.06 31.53 6.89
OD1 HYP G 9 -36.29 30.30 4.79
N GLY G 10 -36.78 27.25 8.83
CA GLY G 10 -36.67 26.51 10.09
C GLY G 10 -35.23 26.49 10.53
N PRO G 11 -34.95 26.02 11.74
CA PRO G 11 -33.52 26.01 12.11
C PRO G 11 -32.77 24.89 11.41
N GLN G 12 -31.50 25.13 11.13
CA GLN G 12 -30.66 24.13 10.50
C GLN G 12 -30.95 22.78 11.15
N GLY G 13 -31.02 21.73 10.36
CA GLY G 13 -31.28 20.42 10.93
C GLY G 13 -30.12 20.04 11.83
N LEU G 14 -30.28 18.99 12.63
CA LEU G 14 -29.25 18.53 13.53
C LEU G 14 -27.94 18.09 12.87
N ALA G 15 -26.89 18.08 13.68
CA ALA G 15 -25.59 17.64 13.18
C ALA G 15 -25.72 16.13 13.04
N GLY G 16 -25.05 15.56 12.06
CA GLY G 16 -25.12 14.14 11.87
C GLY G 16 -24.60 13.38 13.08
N GLN G 17 -25.10 12.17 13.27
CA GLN G 17 -24.64 11.34 14.37
C GLN G 17 -23.16 11.05 14.13
N ARG G 18 -22.42 10.78 15.19
CA ARG G 18 -21.00 10.49 15.08
C ARG G 18 -20.71 9.17 14.38
N GLY G 19 -19.45 8.94 14.05
CA GLY G 19 -19.07 7.72 13.36
C GLY G 19 -19.09 6.47 14.23
N ILE G 20 -18.47 5.40 13.74
CA ILE G 20 -18.41 4.13 14.47
C ILE G 20 -16.97 3.84 14.81
N VAL G 21 -16.72 3.61 16.09
CA VAL G 21 -15.39 3.31 16.59
C VAL G 21 -14.77 2.19 15.77
N GLY G 22 -13.69 2.51 15.05
CA GLY G 22 -13.03 1.50 14.24
C GLY G 22 -12.67 0.30 15.09
N LEU G 23 -12.35 -0.81 14.43
CA LEU G 23 -11.99 -2.05 15.14
C LEU G 23 -10.62 -1.94 15.81
N HYP G 24 -10.36 -2.83 16.77
CA HYP G 24 -9.07 -2.82 17.45
C HYP G 24 -7.99 -3.14 16.41
O HYP G 24 -8.28 -3.25 15.21
CB HYP G 24 -9.20 -3.92 18.49
CG HYP G 24 -10.69 -4.00 18.75
CD HYP G 24 -11.27 -3.82 17.36
OD1 HYP G 24 -11.12 -2.94 19.61
N GLY G 25 -6.74 -3.31 16.85
CA GLY G 25 -5.69 -3.63 15.90
C GLY G 25 -5.14 -5.03 16.06
N GLN G 26 -4.44 -5.49 15.03
CA GLN G 26 -3.85 -6.82 15.07
C GLN G 26 -3.04 -7.02 16.32
N ARG G 27 -3.15 -8.22 16.90
CA ARG G 27 -2.44 -8.59 18.11
C ARG G 27 -0.98 -8.17 18.01
N GLY G 28 -0.30 -8.07 19.16
CA GLY G 28 1.09 -7.69 19.18
C GLY G 28 1.93 -8.68 18.40
N GLU G 29 3.01 -9.14 19.00
CA GLU G 29 3.91 -10.10 18.35
C GLU G 29 4.61 -10.92 19.42
N ARG G 30 5.00 -12.15 19.09
CA ARG G 30 5.68 -12.98 20.07
C ARG G 30 6.89 -12.20 20.58
N GLY G 31 7.22 -12.38 21.86
CA GLY G 31 8.35 -11.68 22.44
C GLY G 31 9.66 -12.33 22.04
N PRO G 32 10.81 -11.68 22.26
CA PRO G 32 12.09 -12.27 21.90
C PRO G 32 12.46 -13.41 22.85
N HYP G 33 13.13 -14.45 22.35
CA HYP G 33 13.54 -15.59 23.18
C HYP G 33 14.30 -15.13 24.42
O HYP G 33 15.35 -14.49 24.31
CB HYP G 33 14.42 -16.42 22.25
CG HYP G 33 13.86 -16.13 20.88
CD HYP G 33 13.57 -14.64 20.96
OD1 HYP G 33 12.66 -16.86 20.69
N GLY G 34 13.76 -15.45 25.60
CA GLY G 34 14.40 -15.05 26.84
C GLY G 34 15.84 -15.53 26.95
N PRO G 35 16.66 -14.87 27.79
CA PRO G 35 18.06 -15.29 27.94
C PRO G 35 18.19 -16.80 28.21
N HYP G 36 19.36 -17.39 27.89
CA HYP G 36 19.61 -18.82 28.09
C HYP G 36 19.59 -19.28 29.55
O HYP G 36 19.28 -20.44 29.84
CB HYP G 36 20.99 -19.02 27.44
CG HYP G 36 21.01 -17.95 26.36
CD HYP G 36 20.46 -16.76 27.13
OD1 HYP G 36 20.11 -18.31 25.31
N GLY H 1 -52.45 43.76 12.22
CA GLY H 1 -52.44 42.59 11.28
C GLY H 1 -51.78 41.33 11.84
N PRO H 2 -52.44 40.16 11.71
CA PRO H 2 -51.99 38.84 12.19
C PRO H 2 -50.59 38.40 11.71
N HYP H 3 -49.96 37.46 12.44
CA HYP H 3 -48.63 36.97 12.07
C HYP H 3 -48.72 36.01 10.89
O HYP H 3 -49.65 35.20 10.82
CB HYP H 3 -48.14 36.23 13.34
CG HYP H 3 -48.97 36.82 14.47
CD HYP H 3 -50.32 37.02 13.80
OD1 HYP H 3 -48.41 38.06 14.89
N GLY H 4 -47.78 36.11 9.97
CA GLY H 4 -47.80 35.25 8.80
C GLY H 4 -47.76 33.78 9.19
N PRO H 5 -47.89 32.86 8.22
CA PRO H 5 -47.87 31.42 8.48
C PRO H 5 -46.45 31.02 8.90
N HYP H 6 -46.18 29.71 8.99
CA HYP H 6 -44.84 29.29 9.38
C HYP H 6 -43.83 29.47 8.24
O HYP H 6 -44.20 29.86 7.13
CB HYP H 6 -45.03 27.83 9.75
CG HYP H 6 -46.45 27.83 10.29
CD HYP H 6 -47.15 28.64 9.22
OD1 HYP H 6 -46.48 28.54 11.53
N GLY H 7 -42.57 29.17 8.51
CA GLY H 7 -41.56 29.31 7.48
C GLY H 7 -41.07 27.97 6.96
N PRO H 8 -40.60 27.92 5.70
CA PRO H 8 -40.11 26.66 5.15
C PRO H 8 -39.14 25.94 6.07
N HYP H 9 -39.14 24.59 6.01
CA HYP H 9 -38.27 23.73 6.82
C HYP H 9 -36.80 24.11 6.65
O HYP H 9 -36.32 24.32 5.53
CB HYP H 9 -38.56 22.34 6.28
CG HYP H 9 -40.02 22.46 5.86
CD HYP H 9 -39.99 23.78 5.13
OD1 HYP H 9 -40.82 22.59 6.99
N GLY H 10 -36.07 24.20 7.76
CA GLY H 10 -34.68 24.59 7.69
C GLY H 10 -33.77 23.77 6.77
N PRO H 11 -32.54 24.25 6.53
CA PRO H 11 -31.54 23.61 5.67
C PRO H 11 -31.04 22.28 6.24
N GLN H 12 -30.54 21.42 5.36
CA GLN H 12 -30.05 20.11 5.78
C GLN H 12 -28.96 20.26 6.81
N GLY H 13 -28.86 19.28 7.70
CA GLY H 13 -27.87 19.33 8.75
C GLY H 13 -26.45 19.08 8.32
N LEU H 14 -25.51 19.51 9.15
CA LEU H 14 -24.09 19.34 8.90
C LEU H 14 -23.74 17.84 8.96
N ALA H 15 -22.86 17.38 8.08
CA ALA H 15 -22.48 15.97 8.08
C ALA H 15 -21.77 15.53 9.38
N GLY H 16 -22.10 14.31 9.81
CA GLY H 16 -21.53 13.78 11.03
C GLY H 16 -20.03 13.58 11.04
N GLN H 17 -19.45 13.72 12.22
CA GLN H 17 -18.01 13.56 12.41
C GLN H 17 -17.54 12.16 12.08
N ARG H 18 -16.32 12.04 11.55
CA ARG H 18 -15.78 10.73 11.23
C ARG H 18 -15.65 9.90 12.50
N GLY H 19 -15.76 8.58 12.36
CA GLY H 19 -15.65 7.68 13.50
C GLY H 19 -14.27 7.65 14.13
N ILE H 20 -14.23 7.63 15.45
CA ILE H 20 -12.97 7.59 16.19
C ILE H 20 -12.10 6.47 15.63
N VAL H 21 -10.79 6.56 15.87
CA VAL H 21 -9.86 5.53 15.42
C VAL H 21 -9.86 4.44 16.48
N GLY H 22 -9.92 3.18 16.04
CA GLY H 22 -9.96 2.05 16.96
C GLY H 22 -8.85 1.92 17.98
N LEU H 23 -8.97 0.94 18.87
CA LEU H 23 -7.98 0.71 19.93
C LEU H 23 -6.72 -0.04 19.47
N HYP H 24 -5.60 0.16 20.19
CA HYP H 24 -4.32 -0.49 19.88
C HYP H 24 -4.40 -1.95 20.33
O HYP H 24 -4.66 -2.21 21.50
CB HYP H 24 -3.32 0.31 20.71
CG HYP H 24 -4.00 1.65 20.84
CD HYP H 24 -5.40 1.22 21.21
OD1 HYP H 24 -4.04 2.27 19.57
N GLY H 25 -4.18 -2.88 19.41
CA GLY H 25 -4.25 -4.30 19.75
C GLY H 25 -3.58 -4.70 21.05
N GLN H 26 -3.97 -5.85 21.59
CA GLN H 26 -3.41 -6.35 22.83
C GLN H 26 -1.92 -6.68 22.64
N ARG H 27 -1.13 -6.49 23.69
CA ARG H 27 0.30 -6.80 23.63
C ARG H 27 0.52 -8.28 23.26
N GLY H 28 1.63 -8.59 22.61
CA GLY H 28 1.91 -9.95 22.21
C GLY H 28 2.20 -10.87 23.39
N GLU H 29 2.36 -12.17 23.11
CA GLU H 29 2.65 -13.15 24.16
C GLU H 29 4.15 -13.15 24.50
N ARG H 30 4.54 -13.88 25.55
CA ARG H 30 5.94 -13.94 25.94
C ARG H 30 6.72 -14.71 24.87
N GLY H 31 8.04 -14.56 24.89
CA GLY H 31 8.85 -15.23 23.91
C GLY H 31 9.18 -16.66 24.30
N PRO H 32 9.98 -17.37 23.48
CA PRO H 32 10.37 -18.76 23.73
C PRO H 32 11.48 -18.86 24.79
N HYP H 33 11.79 -20.07 25.24
CA HYP H 33 12.84 -20.27 26.26
C HYP H 33 14.21 -20.47 25.62
O HYP H 33 15.15 -19.73 25.87
CB HYP H 33 12.35 -21.51 27.02
CG HYP H 33 10.89 -21.66 26.60
CD HYP H 33 10.94 -21.27 25.14
OD1 HYP H 33 10.06 -20.73 27.31
CA CA I . 6.00 15.48 -20.07
CA CA J . 34.73 -0.75 7.66
CA CA K . 23.82 21.14 -33.64
CA CA L . 11.17 7.11 -22.85
ZN ZN M . 15.59 12.86 -31.51
ZN ZN N . 24.04 7.33 -24.07
CA CA O . -19.01 13.68 -9.69
CA CA P . -25.21 -21.20 13.32
CA CA Q . -42.61 18.79 -7.01
CA CA R . -21.21 15.57 -0.39
ZN ZN S . -31.12 21.09 -2.99
ZN ZN T . -32.55 11.65 4.76
#